data_4ANX
#
_entry.id   4ANX
#
_cell.length_a   143.424
_cell.length_b   68.531
_cell.length_c   106.263
_cell.angle_alpha   90.00
_cell.angle_beta   95.26
_cell.angle_gamma   90.00
#
_symmetry.space_group_name_H-M   'C 1 2 1'
#
loop_
_entity.id
_entity.type
_entity.pdbx_description
1 polymer 'PHOSPHATIDYLINOSITOL-4,5-BISPHOSPHATE 3-KINASE CATALYTIC SUBUNIT GAMMA ISOFORM'
2 non-polymer 5-{3-[(4-{3-[4-(1-methylethyl)phenyl]pyrazin-2-yl}piperazin-1-yl)sulfonyl]phenyl}pyrimidin-2-amine
3 water water
#
_entity_poly.entity_id   1
_entity_poly.type   'polypeptide(L)'
_entity_poly.pdbx_seq_one_letter_code
;MLLGSSEESQAFQRQLTALIGYDVTDVSNVHDDELEFTRRGLVTPRMAEVASRDPKLYAMHPWVTSKPLPEYLWKKIANN
CIFIVIHRSTTSQTIKVSPDDTPGAILQSFFTKMAKKKSLMDIPESQSEQDFVLRVCGRDEYLVGETPIKNFQWVRHCLK
NGEEIHVVLDTPPDPALDEVRKEEWPLVDDCTGVTGYHEQLTIHGKDHESVFTVSLWDCDRKFRVKIRGIDIPVLPRNTD
LTVFVEANIQHGQQVLCQRRTSPKPFTEEVLWNVWLEFSIKIKDLPKGALLNLQIYCGKAPALSSKASAESPSSESKGKV
QLLYYVNLLLIDHRFLLRRGEYVLHMWQISGKGEDQGSFNADKLTSATNPDKENSMSISILLDNYCHPIALPKHQPTPDP
EGDRVRAEMPNQLRKQLEAIIATDPLNPLTAEDKELLWHFRYESLKHPKAYPKLFSSVKWGQQEIVAKTYQLLARREVWD
QSALDVGLTMQLLDCNFSDENVRAIAVQKLESLEDDDVLHYLLQLVQAVKFEPYHDSALARFLLKRGLRNKRIGHFLFWF
LRSEIAQSRHYQQRFAVILEAYLRGCGTAMLHDFTQQVQVIEMLQKVTLDIKSLSAEKYDVSSQVISQLKQKLENLQNSQ
LPESFRVPYDPGLKAGALAIEKCKVMASKKKPLWLEFKCADPTALSNETIGIIFKHGDDLRQDMLILQILRIMESIWETE
SLDLCLLPYGCISTGDKIGMIEIVKDATTIAKIQQSTVGNTGAFKDEVLNHWLKEKSPTEEKFQAAVERFVYSCAGYCVA
TFVLGIGDRHNDNIMITETGNLFHIDFGHINGNYKSFLGINKERVPFVLTPDFLFVMGTSGKKTSPHFQKFQDICVKAYL
ALRHHTNLLIILFSMMLMTGMPQLTSKEDIEYIRDALTVGKNEEDAKKYFLDQIEVCRDKGWTVQFNWFLHLVLGIKQGE
KHSAEFGLVPRGSGHHHHHH
;
_entity_poly.pdbx_strand_id   A
#
loop_
_chem_comp.id
_chem_comp.type
_chem_comp.name
_chem_comp.formula
534 non-polymer 5-{3-[(4-{3-[4-(1-methylethyl)phenyl]pyrazin-2-yl}piperazin-1-yl)sulfonyl]phenyl}pyrimidin-2-amine 'C27 H29 N7 O2 S'
#
# COMPACT_ATOMS: atom_id res chain seq x y z
N SER A 5 -15.87 26.25 -23.15
CA SER A 5 -14.85 25.21 -23.51
C SER A 5 -13.89 25.77 -24.55
N SER A 6 -12.74 26.27 -24.09
CA SER A 6 -11.71 26.91 -24.94
C SER A 6 -10.76 25.87 -25.60
N GLU A 7 -9.48 26.21 -25.86
CA GLU A 7 -8.55 25.25 -26.48
C GLU A 7 -7.02 25.53 -26.40
N GLU A 8 -6.36 25.60 -25.23
CA GLU A 8 -6.90 25.70 -23.87
C GLU A 8 -7.90 24.61 -23.51
N SER A 9 -8.30 24.57 -22.24
CA SER A 9 -9.36 23.67 -21.72
C SER A 9 -9.33 22.20 -22.22
N GLN A 10 -9.26 22.03 -23.55
CA GLN A 10 -9.07 20.72 -24.19
C GLN A 10 -7.62 20.21 -24.10
N ALA A 11 -6.70 20.91 -24.77
CA ALA A 11 -5.28 20.52 -24.76
C ALA A 11 -4.81 20.21 -23.35
N PHE A 12 -5.31 20.98 -22.39
CA PHE A 12 -5.03 20.72 -20.98
C PHE A 12 -5.59 19.35 -20.62
N GLN A 13 -6.91 19.26 -20.53
CA GLN A 13 -7.63 18.01 -20.32
C GLN A 13 -7.06 16.87 -21.15
N ARG A 14 -6.47 17.19 -22.28
CA ARG A 14 -5.77 16.18 -23.08
C ARG A 14 -4.50 15.74 -22.37
N GLN A 15 -3.77 16.67 -21.75
CA GLN A 15 -2.51 16.32 -21.10
C GLN A 15 -2.84 15.56 -19.82
N LEU A 16 -3.90 16.02 -19.16
CA LEU A 16 -4.52 15.32 -18.04
C LEU A 16 -4.86 13.88 -18.45
N THR A 17 -5.51 13.67 -19.59
CA THR A 17 -5.84 12.30 -19.97
C THR A 17 -4.55 11.52 -20.06
N ALA A 18 -3.51 12.20 -20.53
CA ALA A 18 -2.22 11.55 -20.82
C ALA A 18 -1.48 11.15 -19.55
N LEU A 19 -1.58 11.99 -18.55
CA LEU A 19 -1.11 11.64 -17.22
C LEU A 19 -1.85 10.46 -16.60
N ILE A 20 -3.18 10.55 -16.54
CA ILE A 20 -3.98 9.55 -15.86
C ILE A 20 -3.88 8.16 -16.51
N GLY A 21 -3.81 8.17 -17.83
CA GLY A 21 -3.89 6.94 -18.61
C GLY A 21 -5.33 6.50 -18.76
N TYR A 22 -6.24 7.45 -18.64
CA TYR A 22 -7.66 7.14 -18.83
C TYR A 22 -8.39 8.41 -19.19
N ASP A 23 -9.47 8.24 -19.93
CA ASP A 23 -10.29 9.33 -20.35
C ASP A 23 -11.59 9.35 -19.53
N VAL A 24 -11.67 10.32 -18.63
CA VAL A 24 -12.79 10.50 -17.73
C VAL A 24 -13.98 11.20 -18.40
N THR A 25 -13.81 11.59 -19.66
CA THR A 25 -14.86 12.30 -20.36
C THR A 25 -15.63 11.28 -21.16
N ASP A 26 -15.03 10.09 -21.33
CA ASP A 26 -15.68 9.00 -22.04
C ASP A 26 -16.87 8.43 -21.27
N VAL A 27 -18.02 8.35 -21.92
CA VAL A 27 -19.27 8.00 -21.25
C VAL A 27 -19.84 6.71 -21.83
N SER A 28 -18.99 5.93 -22.48
CA SER A 28 -19.38 4.71 -23.14
C SER A 28 -19.80 3.59 -22.19
N ASN A 29 -19.26 3.57 -20.96
CA ASN A 29 -19.40 2.40 -20.05
C ASN A 29 -20.13 2.71 -18.76
N VAL A 30 -21.00 3.70 -18.84
CA VAL A 30 -21.71 4.21 -17.71
C VAL A 30 -23.17 3.83 -17.93
N HIS A 31 -23.99 3.94 -16.90
CA HIS A 31 -25.45 4.02 -17.09
C HIS A 31 -26.04 5.13 -16.27
N ASP A 32 -25.23 6.02 -15.72
CA ASP A 32 -25.76 7.13 -14.94
C ASP A 32 -24.75 8.28 -14.80
N ASP A 33 -25.12 9.19 -13.94
CA ASP A 33 -24.48 10.47 -13.76
C ASP A 33 -23.23 10.44 -12.86
N GLU A 34 -23.02 9.34 -12.12
CA GLU A 34 -22.25 9.47 -10.88
C GLU A 34 -20.82 9.98 -11.08
N LEU A 35 -20.12 9.46 -12.10
CA LEU A 35 -18.72 9.82 -12.25
C LEU A 35 -18.66 11.31 -12.52
N GLU A 36 -19.44 11.74 -13.51
CA GLU A 36 -19.52 13.16 -13.87
C GLU A 36 -19.93 14.00 -12.68
N PHE A 37 -20.95 13.53 -11.97
CA PHE A 37 -21.40 14.21 -10.79
C PHE A 37 -20.31 14.29 -9.70
N THR A 38 -19.43 13.31 -9.65
CA THR A 38 -18.31 13.33 -8.70
C THR A 38 -17.21 14.32 -9.12
N ARG A 39 -16.99 14.46 -10.43
CA ARG A 39 -16.02 15.45 -10.91
C ARG A 39 -16.42 16.86 -10.48
N ARG A 40 -17.63 17.29 -10.84
CA ARG A 40 -18.22 18.55 -10.34
C ARG A 40 -18.15 18.64 -8.83
N GLY A 41 -18.51 17.55 -8.15
CA GLY A 41 -18.46 17.52 -6.68
C GLY A 41 -17.09 17.80 -6.09
N LEU A 42 -16.05 17.16 -6.64
CA LEU A 42 -14.72 17.25 -6.06
C LEU A 42 -14.06 18.64 -6.15
N VAL A 43 -14.54 19.44 -7.11
CA VAL A 43 -14.07 20.84 -7.32
C VAL A 43 -14.06 21.66 -6.04
N THR A 44 -15.13 21.60 -5.25
CA THR A 44 -15.23 22.47 -4.07
C THR A 44 -14.11 22.12 -3.11
N PRO A 45 -13.99 20.83 -2.74
CA PRO A 45 -12.88 20.45 -1.87
C PRO A 45 -11.51 20.82 -2.42
N ARG A 46 -11.27 20.50 -3.69
CA ARG A 46 -9.98 20.80 -4.31
C ARG A 46 -9.62 22.23 -4.08
N MET A 47 -10.55 23.08 -4.51
CA MET A 47 -10.41 24.51 -4.36
C MET A 47 -10.19 24.96 -2.94
N ALA A 48 -11.10 24.62 -2.06
CA ALA A 48 -10.94 24.95 -0.64
C ALA A 48 -9.49 24.74 -0.17
N GLU A 49 -8.90 23.61 -0.56
CA GLU A 49 -7.57 23.24 -0.07
C GLU A 49 -6.49 23.99 -0.82
N VAL A 50 -6.64 24.05 -2.13
CA VAL A 50 -5.75 24.86 -2.96
C VAL A 50 -5.67 26.30 -2.41
N ALA A 51 -6.82 26.81 -2.00
CA ALA A 51 -6.95 28.21 -1.67
C ALA A 51 -6.61 28.43 -0.21
N SER A 52 -5.71 27.62 0.33
CA SER A 52 -5.50 27.53 1.77
C SER A 52 -4.09 27.07 2.08
N ARG A 53 -3.52 26.35 1.14
CA ARG A 53 -2.09 26.11 1.03
C ARG A 53 -1.22 27.31 1.41
N ASP A 54 -0.30 27.14 2.37
CA ASP A 54 0.76 28.15 2.62
C ASP A 54 1.78 28.04 1.52
N PRO A 55 1.84 29.01 0.62
CA PRO A 55 2.49 28.72 -0.65
C PRO A 55 3.97 28.35 -0.53
N LYS A 56 4.69 28.87 0.48
CA LYS A 56 6.14 28.60 0.54
C LYS A 56 6.53 27.30 1.27
N LEU A 57 5.77 26.89 2.29
CA LEU A 57 5.92 25.53 2.80
C LEU A 57 5.47 24.49 1.73
N TYR A 58 4.42 24.81 0.98
CA TYR A 58 4.01 23.91 -0.09
C TYR A 58 5.17 23.63 -1.01
N ALA A 59 5.83 24.69 -1.42
CA ALA A 59 6.85 24.62 -2.45
C ALA A 59 8.06 23.89 -1.92
N MET A 60 8.30 23.98 -0.62
CA MET A 60 9.49 23.37 0.00
C MET A 60 9.26 22.03 0.73
N HIS A 61 8.00 21.64 0.88
CA HIS A 61 7.62 20.34 1.41
C HIS A 61 8.46 19.75 2.53
N PRO A 62 8.73 20.51 3.58
CA PRO A 62 9.51 19.92 4.66
C PRO A 62 8.98 18.57 5.08
N TRP A 63 9.88 17.62 5.25
CA TRP A 63 9.52 16.30 5.69
C TRP A 63 9.91 16.19 7.14
N VAL A 64 8.94 16.37 8.03
CA VAL A 64 9.18 16.42 9.49
C VAL A 64 8.37 15.37 10.24
N THR A 65 8.52 15.33 11.57
CA THR A 65 7.68 14.47 12.43
C THR A 65 7.51 15.00 13.86
N SER A 66 6.34 14.77 14.46
CA SER A 66 6.11 15.10 15.87
C SER A 66 6.62 14.00 16.81
N LYS A 67 7.22 12.94 16.27
CA LYS A 67 7.56 11.82 17.13
C LYS A 67 8.84 12.02 17.89
N PRO A 68 8.93 11.43 19.10
CA PRO A 68 10.15 11.57 19.86
C PRO A 68 11.27 10.86 19.14
N LEU A 69 12.44 11.48 19.13
CA LEU A 69 13.60 10.81 18.60
C LEU A 69 13.81 9.52 19.38
N PRO A 70 13.88 8.37 18.69
CA PRO A 70 13.91 7.11 19.43
C PRO A 70 15.21 7.01 20.20
N GLU A 71 15.31 6.04 21.08
CA GLU A 71 16.45 6.00 22.00
C GLU A 71 17.83 5.87 21.31
N TYR A 72 17.86 5.55 20.01
CA TYR A 72 18.93 4.69 19.49
C TYR A 72 20.03 5.04 18.45
N LEU A 73 20.37 6.27 18.03
CA LEU A 73 19.61 7.52 17.88
C LEU A 73 19.86 8.64 18.90
N TRP A 74 19.27 8.59 20.10
CA TRP A 74 19.69 9.55 21.14
C TRP A 74 21.16 9.27 21.49
N LYS A 75 21.43 8.00 21.77
CA LYS A 75 22.78 7.54 22.11
C LYS A 75 23.76 7.57 20.91
N LYS A 76 23.41 8.32 19.85
CA LYS A 76 24.33 8.62 18.75
C LYS A 76 24.60 10.12 18.67
N ILE A 77 24.73 10.77 19.81
CA ILE A 77 25.01 12.21 19.86
C ILE A 77 26.18 12.48 20.77
N ALA A 78 27.00 13.47 20.40
CA ALA A 78 28.19 13.86 21.16
C ALA A 78 27.88 14.24 22.60
N ASN A 79 27.05 15.28 22.74
CA ASN A 79 26.75 15.91 24.02
C ASN A 79 25.87 17.10 23.65
N ASN A 80 24.64 16.80 23.21
CA ASN A 80 23.72 17.82 22.64
C ASN A 80 24.38 18.60 21.52
N CYS A 81 25.16 17.89 20.72
CA CYS A 81 25.88 18.48 19.62
C CYS A 81 25.64 17.64 18.37
N ILE A 82 25.18 18.31 17.30
CA ILE A 82 24.95 17.68 16.00
C ILE A 82 25.63 18.47 14.89
N PHE A 83 26.43 17.78 14.09
CA PHE A 83 27.25 18.41 13.06
C PHE A 83 26.47 18.57 11.77
N ILE A 84 26.65 19.71 11.11
CA ILE A 84 26.09 19.97 9.78
C ILE A 84 27.08 20.67 8.85
N VAL A 85 27.16 20.21 7.61
CA VAL A 85 28.07 20.78 6.63
C VAL A 85 27.34 21.56 5.55
N ILE A 86 27.61 22.86 5.46
CA ILE A 86 27.01 23.74 4.43
C ILE A 86 27.97 23.97 3.26
N HIS A 87 27.43 24.37 2.11
CA HIS A 87 28.22 24.56 0.88
C HIS A 87 27.70 25.78 0.10
N ARG A 88 28.56 26.45 -0.68
CA ARG A 88 28.17 27.68 -1.40
C ARG A 88 28.67 27.83 -2.86
N SER A 89 29.78 27.19 -3.21
CA SER A 89 30.22 27.09 -4.61
C SER A 89 31.16 25.90 -4.78
N THR A 90 32.36 26.03 -4.23
CA THR A 90 33.26 24.90 -3.97
C THR A 90 33.77 25.07 -2.52
N THR A 91 32.94 25.71 -1.71
CA THR A 91 33.27 26.07 -0.33
C THR A 91 32.48 25.19 0.61
N SER A 92 32.98 25.09 1.84
CA SER A 92 32.34 24.29 2.89
C SER A 92 32.62 24.89 4.27
N GLN A 93 32.05 24.24 5.31
CA GLN A 93 32.23 24.62 6.71
C GLN A 93 31.22 23.88 7.57
N THR A 94 31.67 23.42 8.73
CA THR A 94 30.80 22.70 9.66
C THR A 94 30.19 23.64 10.71
N ILE A 95 29.00 23.34 11.21
CA ILE A 95 28.49 23.98 12.41
C ILE A 95 28.00 22.96 13.41
N LYS A 96 28.50 23.09 14.65
CA LYS A 96 27.91 22.41 15.77
C LYS A 96 26.50 22.99 15.91
N VAL A 97 25.56 22.13 16.26
CA VAL A 97 24.16 22.51 16.41
C VAL A 97 23.58 21.69 17.52
N SER A 98 22.59 22.26 18.21
CA SER A 98 21.87 21.50 19.23
C SER A 98 20.53 21.04 18.64
N PRO A 99 20.16 19.78 18.91
CA PRO A 99 18.94 19.12 18.40
C PRO A 99 17.68 19.97 18.31
N ASP A 100 17.48 20.88 19.26
CA ASP A 100 16.25 21.67 19.27
C ASP A 100 16.36 22.96 18.48
N ASP A 101 17.51 23.23 17.88
CA ASP A 101 17.67 24.49 17.18
C ASP A 101 16.79 24.51 15.94
N THR A 102 15.91 25.50 15.81
CA THR A 102 15.18 25.74 14.55
C THR A 102 16.17 25.87 13.39
N PRO A 103 15.74 25.62 12.15
CA PRO A 103 16.48 26.11 11.00
C PRO A 103 16.84 27.60 11.06
N GLY A 104 15.84 28.49 11.12
CA GLY A 104 16.08 29.94 11.30
C GLY A 104 17.22 30.26 12.26
N ALA A 105 17.15 29.68 13.46
CA ALA A 105 18.18 29.83 14.50
C ALA A 105 19.57 29.42 13.96
N ILE A 106 19.60 28.31 13.24
CA ILE A 106 20.83 27.85 12.63
C ILE A 106 21.29 28.89 11.61
N LEU A 107 20.51 29.07 10.55
CA LEU A 107 20.84 30.06 9.50
C LEU A 107 21.42 31.38 10.03
N GLN A 108 20.81 31.89 11.11
CA GLN A 108 21.25 33.14 11.71
C GLN A 108 22.58 32.91 12.47
N SER A 109 22.71 31.73 13.09
CA SER A 109 23.97 31.31 13.74
C SER A 109 25.05 30.97 12.69
N PHE A 110 25.36 31.97 11.88
CA PHE A 110 26.13 31.82 10.64
C PHE A 110 26.38 33.21 10.06
N PHE A 111 25.29 33.97 9.85
CA PHE A 111 25.37 35.40 9.58
C PHE A 111 26.01 36.15 10.77
N THR A 112 25.72 35.64 11.98
CA THR A 112 26.40 36.07 13.21
C THR A 112 27.82 35.52 13.22
N LYS A 113 27.95 34.26 12.85
CA LYS A 113 29.25 33.57 12.84
C LYS A 113 30.15 34.05 11.68
N MET A 114 30.97 35.06 11.97
CA MET A 114 32.01 35.56 11.07
C MET A 114 33.24 35.99 11.88
N GLU A 129 20.99 38.79 4.22
CA GLU A 129 19.56 38.73 3.94
C GLU A 129 18.92 37.37 4.21
N GLN A 130 17.58 37.39 4.21
CA GLN A 130 16.77 36.23 4.61
C GLN A 130 16.28 35.42 3.41
N ASP A 131 16.83 35.71 2.23
CA ASP A 131 16.32 35.19 0.94
C ASP A 131 17.07 33.90 0.55
N PHE A 132 17.39 33.09 1.55
CA PHE A 132 18.28 31.93 1.39
C PHE A 132 17.80 30.82 2.35
N VAL A 133 17.90 29.57 1.92
CA VAL A 133 17.35 28.42 2.67
C VAL A 133 18.18 27.15 2.57
N LEU A 134 17.93 26.21 3.47
CA LEU A 134 18.77 25.00 3.56
C LEU A 134 18.23 23.76 2.86
N ARG A 135 18.72 23.55 1.63
CA ARG A 135 18.40 22.41 0.79
C ARG A 135 19.39 21.27 1.10
N VAL A 136 18.96 20.01 1.14
CA VAL A 136 19.90 18.89 1.35
C VAL A 136 20.65 18.54 0.06
N CYS A 137 21.95 18.32 0.19
CA CYS A 137 22.81 18.12 -0.97
C CYS A 137 22.44 16.88 -1.74
N GLY A 138 22.20 17.07 -3.05
CA GLY A 138 21.91 15.96 -3.94
C GLY A 138 20.44 15.76 -4.25
N ARG A 139 19.59 16.23 -3.36
CA ARG A 139 18.17 15.93 -3.39
C ARG A 139 17.40 17.20 -3.54
N ASP A 140 16.12 17.08 -3.88
CA ASP A 140 15.22 18.21 -3.76
C ASP A 140 14.50 18.12 -2.43
N GLU A 141 15.23 18.47 -1.37
CA GLU A 141 14.69 18.34 -0.01
C GLU A 141 15.20 19.50 0.82
N TYR A 142 14.38 19.92 1.77
CA TYR A 142 14.64 21.15 2.45
C TYR A 142 14.53 21.05 3.96
N LEU A 143 15.36 21.87 4.59
CA LEU A 143 15.40 22.02 6.02
C LEU A 143 14.96 23.45 6.31
N VAL A 144 13.65 23.67 6.25
CA VAL A 144 13.03 24.97 6.53
C VAL A 144 11.81 24.74 7.43
N GLY A 145 11.24 25.83 7.95
CA GLY A 145 10.03 25.77 8.78
C GLY A 145 10.40 25.65 10.24
N GLU A 146 9.40 25.71 11.09
CA GLU A 146 9.60 25.78 12.54
C GLU A 146 9.69 24.39 13.18
N THR A 147 10.73 23.64 12.85
CA THR A 147 10.88 22.31 13.43
C THR A 147 12.28 22.12 13.96
N PRO A 148 12.41 21.50 15.12
CA PRO A 148 13.76 21.11 15.52
C PRO A 148 14.44 20.23 14.49
N ILE A 149 15.75 20.36 14.35
CA ILE A 149 16.51 19.61 13.34
C ILE A 149 16.36 18.12 13.61
N LYS A 150 16.25 17.77 14.89
CA LYS A 150 16.05 16.39 15.29
C LYS A 150 14.80 15.84 14.60
N ASN A 151 13.81 16.70 14.41
CA ASN A 151 12.50 16.28 13.94
C ASN A 151 12.34 16.27 12.40
N PHE A 152 13.36 16.67 11.65
CA PHE A 152 13.40 16.44 10.18
C PHE A 152 13.83 14.99 9.88
N GLN A 153 13.34 14.41 8.79
CA GLN A 153 13.53 12.98 8.57
C GLN A 153 14.87 12.70 7.98
N TRP A 154 15.33 13.57 7.10
CA TRP A 154 16.66 13.39 6.52
C TRP A 154 17.69 13.35 7.61
N VAL A 155 17.56 14.30 8.53
CA VAL A 155 18.43 14.37 9.68
C VAL A 155 18.35 13.05 10.46
N ARG A 156 17.14 12.50 10.58
CA ARG A 156 16.96 11.19 11.24
C ARG A 156 17.56 10.04 10.39
N HIS A 157 17.36 10.10 9.08
CA HIS A 157 17.96 9.12 8.19
C HIS A 157 19.48 9.20 8.24
N CYS A 158 20.01 10.41 8.40
CA CYS A 158 21.46 10.57 8.47
C CYS A 158 22.02 9.90 9.71
N LEU A 159 21.42 10.19 10.86
CA LEU A 159 21.82 9.54 12.10
C LEU A 159 21.75 8.01 12.05
N LYS A 160 20.59 7.46 11.74
CA LYS A 160 20.48 6.01 11.58
C LYS A 160 21.68 5.45 10.82
N ASN A 161 21.89 5.90 9.58
CA ASN A 161 22.91 5.27 8.71
C ASN A 161 24.37 5.69 8.95
N GLY A 162 24.65 6.20 10.14
CA GLY A 162 26.02 6.55 10.53
C GLY A 162 26.64 7.61 9.65
N GLU A 163 25.80 8.52 9.19
CA GLU A 163 26.16 9.43 8.08
C GLU A 163 26.18 10.90 8.45
N GLU A 164 26.99 11.64 7.70
CA GLU A 164 27.18 13.07 7.86
C GLU A 164 26.14 13.82 7.02
N ILE A 165 25.62 14.91 7.57
CA ILE A 165 24.50 15.66 7.00
C ILE A 165 24.99 16.80 6.11
N HIS A 166 24.63 16.80 4.84
CA HIS A 166 25.17 17.79 3.91
C HIS A 166 24.10 18.60 3.22
N VAL A 167 24.26 19.91 3.24
CA VAL A 167 23.24 20.81 2.75
C VAL A 167 23.85 21.95 1.95
N VAL A 168 23.13 22.42 0.92
CA VAL A 168 23.51 23.62 0.16
C VAL A 168 22.73 24.82 0.65
N LEU A 169 23.32 25.99 0.49
CA LEU A 169 22.61 27.25 0.63
C LEU A 169 22.19 27.75 -0.76
N ASP A 170 20.90 28.01 -0.95
CA ASP A 170 20.40 28.70 -2.16
C ASP A 170 19.01 29.31 -1.96
N THR A 171 18.64 30.19 -2.87
CA THR A 171 17.37 30.91 -2.80
C THR A 171 16.22 29.92 -2.89
N PRO A 172 15.11 30.16 -2.15
CA PRO A 172 13.86 29.40 -2.25
C PRO A 172 13.22 29.30 -3.64
N PRO A 173 12.71 28.12 -4.02
CA PRO A 173 12.04 27.99 -5.30
C PRO A 173 10.78 28.85 -5.33
N ASP A 174 10.44 29.35 -6.51
CA ASP A 174 9.35 30.32 -6.63
C ASP A 174 7.95 29.70 -6.52
N PRO A 175 7.18 30.08 -5.49
CA PRO A 175 5.78 29.66 -5.39
C PRO A 175 4.97 29.87 -6.64
N ALA A 176 5.24 30.93 -7.39
CA ALA A 176 4.50 31.15 -8.63
C ALA A 176 4.72 30.00 -9.63
N LEU A 177 5.78 29.21 -9.43
CA LEU A 177 6.01 28.02 -10.26
C LEU A 177 4.88 27.02 -10.05
N ASP A 178 4.38 26.97 -8.82
CA ASP A 178 3.28 26.09 -8.43
C ASP A 178 1.86 26.59 -8.73
N GLU A 179 1.72 27.59 -9.60
CA GLU A 179 0.42 28.18 -9.88
C GLU A 179 -0.51 27.14 -10.51
N VAL A 180 -1.79 27.24 -10.15
CA VAL A 180 -2.85 26.42 -10.74
C VAL A 180 -3.69 27.25 -11.71
N ARG A 181 -4.20 26.62 -12.78
CA ARG A 181 -5.03 27.31 -13.76
C ARG A 181 -6.52 27.23 -13.39
N LYS A 182 -7.30 28.26 -13.74
CA LYS A 182 -8.70 28.32 -13.31
C LYS A 182 -9.58 27.33 -14.08
N GLU A 183 -10.87 27.26 -13.72
CA GLU A 183 -11.81 26.26 -14.27
C GLU A 183 -12.95 26.94 -15.04
N CYS A 219 -42.41 4.58 -0.16
CA CYS A 219 -43.41 3.59 -0.56
C CYS A 219 -43.25 2.26 0.20
N ASP A 220 -44.38 1.68 0.59
CA ASP A 220 -44.39 0.54 1.51
C ASP A 220 -44.40 -0.84 0.81
N ARG A 221 -44.46 -0.86 -0.51
CA ARG A 221 -44.53 -2.14 -1.20
C ARG A 221 -43.20 -2.89 -1.07
N LYS A 222 -43.23 -4.20 -1.26
CA LYS A 222 -41.98 -4.98 -1.26
C LYS A 222 -41.16 -4.70 -2.54
N PHE A 223 -39.84 -4.80 -2.41
CA PHE A 223 -38.93 -4.63 -3.56
C PHE A 223 -38.97 -5.85 -4.46
N ARG A 224 -38.96 -5.61 -5.77
CA ARG A 224 -38.80 -6.71 -6.72
C ARG A 224 -38.01 -6.25 -7.91
N VAL A 225 -37.45 -7.22 -8.61
CA VAL A 225 -36.73 -6.94 -9.83
C VAL A 225 -37.16 -7.99 -10.85
N LYS A 226 -37.39 -7.55 -12.09
CA LYS A 226 -37.62 -8.49 -13.19
C LYS A 226 -36.27 -8.88 -13.72
N ILE A 227 -36.13 -10.17 -13.99
CA ILE A 227 -34.93 -10.72 -14.59
C ILE A 227 -35.27 -11.17 -15.99
N ARG A 228 -35.06 -10.27 -16.96
CA ARG A 228 -35.43 -10.51 -18.35
C ARG A 228 -34.65 -11.66 -18.94
N GLY A 229 -33.33 -11.61 -18.82
CA GLY A 229 -32.47 -12.70 -19.27
C GLY A 229 -30.99 -12.38 -19.35
N ILE A 230 -30.18 -13.43 -19.49
CA ILE A 230 -28.76 -13.27 -19.78
C ILE A 230 -28.40 -13.55 -21.24
N ASP A 231 -27.35 -12.90 -21.72
CA ASP A 231 -26.84 -13.18 -23.04
C ASP A 231 -25.33 -13.05 -23.07
N ILE A 232 -24.73 -13.82 -23.98
CA ILE A 232 -23.28 -13.99 -24.12
C ILE A 232 -22.93 -14.42 -25.56
N PRO A 233 -22.02 -13.71 -26.23
CA PRO A 233 -21.76 -14.08 -27.62
C PRO A 233 -21.30 -15.52 -27.82
N VAL A 234 -20.41 -16.03 -26.95
CA VAL A 234 -19.97 -17.44 -27.08
C VAL A 234 -19.79 -18.17 -25.73
N LEU A 235 -19.99 -19.47 -25.79
CA LEU A 235 -19.80 -20.34 -24.62
C LEU A 235 -18.54 -21.23 -24.69
N PRO A 236 -18.42 -22.11 -25.71
CA PRO A 236 -17.55 -23.28 -25.61
C PRO A 236 -16.49 -23.23 -24.50
N ARG A 237 -16.79 -23.92 -23.41
CA ARG A 237 -15.89 -24.18 -22.27
C ARG A 237 -16.00 -25.63 -21.76
N ASN A 238 -17.09 -26.30 -22.18
CA ASN A 238 -17.44 -27.69 -21.83
C ASN A 238 -18.49 -28.14 -22.90
N THR A 239 -19.50 -28.91 -22.49
CA THR A 239 -20.79 -28.99 -23.20
C THR A 239 -21.96 -28.83 -22.19
N ASP A 240 -23.10 -28.39 -22.72
CA ASP A 240 -24.34 -28.06 -21.99
C ASP A 240 -24.45 -28.50 -20.51
N LEU A 241 -24.12 -27.60 -19.57
CA LEU A 241 -24.51 -27.75 -18.16
C LEU A 241 -25.67 -26.77 -17.89
N THR A 242 -25.91 -26.44 -16.64
CA THR A 242 -27.08 -25.65 -16.24
C THR A 242 -26.65 -24.42 -15.44
N VAL A 243 -27.50 -23.39 -15.40
CA VAL A 243 -27.16 -22.12 -14.74
C VAL A 243 -28.37 -21.24 -14.34
N PHE A 244 -28.32 -20.69 -13.11
CA PHE A 244 -29.39 -19.80 -12.59
C PHE A 244 -28.84 -18.43 -12.15
N VAL A 245 -29.74 -17.49 -11.90
CA VAL A 245 -29.32 -16.18 -11.44
C VAL A 245 -29.67 -16.01 -9.96
N GLU A 246 -28.71 -15.50 -9.20
CA GLU A 246 -28.89 -15.20 -7.80
C GLU A 246 -28.94 -13.71 -7.57
N ALA A 247 -30.13 -13.20 -7.29
CA ALA A 247 -30.30 -11.81 -6.94
C ALA A 247 -30.07 -11.62 -5.43
N ASN A 248 -29.10 -10.77 -5.11
CA ASN A 248 -28.73 -10.54 -3.74
C ASN A 248 -28.91 -9.10 -3.36
N ILE A 249 -29.66 -8.81 -2.31
CA ILE A 249 -29.67 -7.46 -1.74
C ILE A 249 -28.60 -7.44 -0.67
N GLN A 250 -27.74 -6.43 -0.68
CA GLN A 250 -26.47 -6.53 0.03
C GLN A 250 -26.03 -5.19 0.61
N HIS A 251 -25.46 -5.18 1.82
CA HIS A 251 -24.99 -3.91 2.45
C HIS A 251 -23.48 -3.93 2.82
N GLY A 252 -23.13 -4.47 3.96
CA GLY A 252 -21.72 -4.46 4.35
C GLY A 252 -21.19 -5.84 4.08
N GLN A 253 -21.43 -6.32 2.86
CA GLN A 253 -21.32 -7.73 2.52
C GLN A 253 -22.28 -8.60 3.33
N GLN A 254 -23.01 -7.96 4.25
CA GLN A 254 -24.18 -8.56 4.88
C GLN A 254 -25.24 -8.78 3.79
N VAL A 255 -25.58 -10.02 3.50
CA VAL A 255 -26.77 -10.27 2.65
C VAL A 255 -28.03 -10.01 3.44
N LEU A 256 -28.89 -9.14 2.92
CA LEU A 256 -30.13 -8.77 3.56
C LEU A 256 -31.26 -9.68 3.11
N CYS A 257 -31.34 -9.91 1.81
CA CYS A 257 -32.36 -10.77 1.27
C CYS A 257 -31.81 -11.44 0.03
N GLN A 258 -32.28 -12.65 -0.27
CA GLN A 258 -31.73 -13.41 -1.40
C GLN A 258 -32.77 -14.25 -2.17
N ARG A 259 -32.85 -14.02 -3.48
CA ARG A 259 -33.76 -14.78 -4.35
C ARG A 259 -32.99 -15.35 -5.50
N ARG A 260 -33.47 -16.47 -6.03
CA ARG A 260 -32.90 -17.03 -7.27
C ARG A 260 -33.99 -17.30 -8.31
N THR A 261 -33.54 -17.71 -9.49
CA THR A 261 -34.41 -18.03 -10.61
C THR A 261 -34.47 -19.52 -10.76
N SER A 262 -35.59 -19.94 -11.34
CA SER A 262 -35.77 -21.29 -11.82
C SER A 262 -34.56 -21.64 -12.66
N PRO A 263 -33.96 -22.82 -12.45
CA PRO A 263 -32.92 -23.21 -13.40
C PRO A 263 -33.42 -23.37 -14.86
N LYS A 264 -32.47 -23.29 -15.78
CA LYS A 264 -32.68 -23.47 -17.22
C LYS A 264 -31.32 -23.91 -17.76
N PRO A 265 -31.24 -24.30 -19.03
CA PRO A 265 -29.94 -24.79 -19.47
C PRO A 265 -29.11 -23.71 -20.17
N PHE A 266 -27.79 -23.86 -20.06
CA PHE A 266 -26.84 -22.80 -20.44
C PHE A 266 -26.69 -22.54 -21.97
N THR A 267 -27.73 -21.96 -22.56
CA THR A 267 -27.71 -21.60 -24.00
C THR A 267 -27.05 -20.23 -24.13
N GLU A 268 -26.43 -19.96 -25.28
CA GLU A 268 -25.86 -18.63 -25.55
C GLU A 268 -26.80 -17.47 -25.12
N GLU A 269 -28.12 -17.65 -25.30
CA GLU A 269 -29.15 -16.73 -24.74
C GLU A 269 -30.10 -17.51 -23.80
N VAL A 270 -30.49 -16.92 -22.67
CA VAL A 270 -31.42 -17.58 -21.72
C VAL A 270 -32.40 -16.58 -21.08
N LEU A 271 -33.63 -16.49 -21.58
CA LEU A 271 -34.69 -15.61 -21.00
C LEU A 271 -35.53 -16.33 -19.91
N TRP A 272 -36.25 -15.58 -19.06
CA TRP A 272 -36.82 -16.21 -17.85
C TRP A 272 -38.34 -16.32 -17.66
N ASN A 273 -39.15 -15.25 -17.66
CA ASN A 273 -38.79 -13.83 -17.65
C ASN A 273 -39.54 -13.33 -16.39
N VAL A 274 -38.90 -13.53 -15.24
CA VAL A 274 -39.61 -13.59 -13.97
C VAL A 274 -39.43 -12.34 -13.10
N TRP A 275 -40.51 -11.91 -12.45
CA TRP A 275 -40.39 -11.05 -11.30
C TRP A 275 -39.88 -11.91 -10.16
N LEU A 276 -39.13 -11.28 -9.26
CA LEU A 276 -38.55 -11.93 -8.11
C LEU A 276 -38.82 -10.98 -6.97
N GLU A 277 -39.65 -11.40 -6.03
CA GLU A 277 -39.97 -10.56 -4.89
C GLU A 277 -39.06 -10.87 -3.72
N PHE A 278 -38.80 -9.83 -2.94
CA PHE A 278 -37.91 -9.94 -1.81
C PHE A 278 -38.72 -9.67 -0.53
N SER A 279 -38.20 -10.16 0.60
CA SER A 279 -38.80 -9.89 1.93
C SER A 279 -38.89 -8.40 2.16
N ILE A 280 -37.78 -7.74 1.92
CA ILE A 280 -37.59 -6.35 2.28
C ILE A 280 -38.45 -5.37 1.49
N LYS A 281 -38.94 -4.34 2.19
CA LYS A 281 -39.68 -3.24 1.59
C LYS A 281 -38.75 -2.11 1.17
N ILE A 282 -39.23 -1.34 0.22
CA ILE A 282 -38.47 -0.25 -0.36
C ILE A 282 -38.03 0.70 0.71
N LYS A 283 -38.99 1.19 1.49
CA LYS A 283 -38.72 2.19 2.52
C LYS A 283 -37.56 1.82 3.46
N ASP A 284 -37.41 0.51 3.67
CA ASP A 284 -36.36 -0.06 4.52
C ASP A 284 -35.06 -0.40 3.80
N LEU A 285 -34.96 -0.07 2.50
CA LEU A 285 -33.67 -0.18 1.77
C LEU A 285 -32.73 0.91 2.26
N PRO A 286 -31.50 0.54 2.67
CA PRO A 286 -30.46 1.48 3.10
C PRO A 286 -29.61 2.08 1.98
N LYS A 287 -29.35 3.39 2.08
CA LYS A 287 -28.42 4.03 1.17
C LYS A 287 -27.12 3.22 1.17
N GLY A 288 -26.72 2.76 0.00
CA GLY A 288 -25.52 1.94 -0.13
C GLY A 288 -25.82 0.49 -0.41
N ALA A 289 -27.08 0.13 -0.31
CA ALA A 289 -27.49 -1.19 -0.70
C ALA A 289 -27.06 -1.41 -2.14
N LEU A 290 -26.70 -2.66 -2.43
CA LEU A 290 -26.28 -3.13 -3.73
C LEU A 290 -27.24 -4.22 -4.16
N LEU A 291 -27.87 -4.07 -5.32
CA LEU A 291 -28.43 -5.22 -6.01
C LEU A 291 -27.28 -5.97 -6.64
N ASN A 292 -27.00 -7.15 -6.12
CA ASN A 292 -25.89 -7.97 -6.54
C ASN A 292 -26.38 -9.21 -7.28
N LEU A 293 -26.03 -9.29 -8.55
CA LEU A 293 -26.55 -10.30 -9.44
C LEU A 293 -25.42 -11.25 -9.77
N GLN A 294 -25.69 -12.54 -9.65
CA GLN A 294 -24.66 -13.54 -9.78
C GLN A 294 -25.22 -14.70 -10.59
N ILE A 295 -24.35 -15.38 -11.32
CA ILE A 295 -24.72 -16.44 -12.21
C ILE A 295 -23.94 -17.69 -11.79
N TYR A 296 -24.68 -18.71 -11.39
CA TYR A 296 -24.08 -19.98 -10.96
C TYR A 296 -24.40 -21.13 -11.93
N CYS A 297 -23.53 -22.16 -11.94
CA CYS A 297 -23.81 -23.46 -12.60
C CYS A 297 -24.35 -24.56 -11.69
N GLN A 321 -18.58 -22.96 -10.16
CA GLN A 321 -20.04 -22.87 -10.09
C GLN A 321 -20.52 -21.40 -10.19
N LEU A 322 -19.90 -20.50 -9.42
CA LEU A 322 -20.11 -19.07 -9.60
C LEU A 322 -19.30 -18.55 -10.83
N LEU A 323 -19.96 -17.95 -11.80
CA LEU A 323 -19.28 -17.66 -13.06
C LEU A 323 -19.16 -16.19 -13.45
N TYR A 324 -20.16 -15.40 -13.11
CA TYR A 324 -20.18 -13.99 -13.47
C TYR A 324 -20.87 -13.25 -12.36
N TYR A 325 -20.52 -11.98 -12.20
CA TYR A 325 -21.22 -11.11 -11.25
C TYR A 325 -21.34 -9.68 -11.74
N VAL A 326 -22.26 -8.92 -11.16
CA VAL A 326 -22.36 -7.48 -11.44
C VAL A 326 -23.28 -6.85 -10.39
N ASN A 327 -23.05 -5.60 -10.06
CA ASN A 327 -23.80 -4.94 -9.00
C ASN A 327 -24.43 -3.65 -9.48
N LEU A 328 -25.55 -3.31 -8.87
CA LEU A 328 -26.24 -2.12 -9.22
C LEU A 328 -26.58 -1.53 -7.89
N LEU A 329 -26.19 -0.28 -7.67
CA LEU A 329 -26.54 0.40 -6.45
C LEU A 329 -28.03 0.59 -6.54
N LEU A 330 -28.75 0.38 -5.45
CA LEU A 330 -30.20 0.52 -5.50
C LEU A 330 -30.57 1.96 -5.24
N ILE A 331 -29.77 2.66 -4.45
CA ILE A 331 -30.05 4.05 -4.17
C ILE A 331 -28.92 4.82 -4.76
N ASP A 332 -29.24 5.87 -5.51
CA ASP A 332 -28.23 6.52 -6.34
C ASP A 332 -27.64 7.66 -5.54
N HIS A 333 -26.83 8.47 -6.20
CA HIS A 333 -25.99 9.44 -5.51
C HIS A 333 -26.77 10.68 -5.20
N ARG A 334 -28.02 10.74 -5.68
CA ARG A 334 -28.98 11.77 -5.25
C ARG A 334 -30.06 11.20 -4.34
N PHE A 335 -29.80 10.06 -3.72
CA PHE A 335 -30.78 9.39 -2.86
C PHE A 335 -32.08 9.00 -3.59
N LEU A 336 -32.04 8.76 -4.90
CA LEU A 336 -33.23 8.29 -5.63
C LEU A 336 -33.21 6.80 -5.78
N LEU A 337 -34.39 6.20 -5.77
CA LEU A 337 -34.52 4.77 -5.99
C LEU A 337 -34.28 4.41 -7.47
N ARG A 338 -33.28 3.60 -7.70
CA ARG A 338 -32.93 3.19 -9.05
C ARG A 338 -34.17 2.62 -9.76
N ARG A 339 -34.60 3.27 -10.83
CA ARG A 339 -35.89 2.95 -11.46
C ARG A 339 -35.78 2.80 -12.96
N GLY A 340 -35.80 1.57 -13.46
CA GLY A 340 -35.87 1.39 -14.92
C GLY A 340 -35.25 0.16 -15.53
N GLU A 341 -34.98 0.28 -16.83
CA GLU A 341 -34.43 -0.77 -17.69
C GLU A 341 -32.90 -0.77 -17.72
N TYR A 342 -32.27 -1.94 -17.53
CA TYR A 342 -30.80 -2.07 -17.56
C TYR A 342 -30.26 -3.27 -18.28
N VAL A 343 -29.11 -3.07 -18.92
CA VAL A 343 -28.33 -4.14 -19.51
C VAL A 343 -26.88 -4.03 -19.00
N LEU A 344 -26.58 -4.91 -18.03
CA LEU A 344 -25.37 -4.82 -17.27
C LEU A 344 -24.40 -5.87 -17.70
N HIS A 345 -23.33 -5.44 -18.35
CA HIS A 345 -22.23 -6.34 -18.67
C HIS A 345 -21.39 -6.69 -17.46
N MET A 346 -21.18 -7.99 -17.31
CA MET A 346 -20.75 -8.57 -16.06
C MET A 346 -19.30 -8.83 -16.13
N TRP A 347 -18.77 -9.15 -14.96
CA TRP A 347 -17.41 -9.59 -14.77
C TRP A 347 -17.42 -11.10 -14.57
N GLN A 348 -16.31 -11.72 -14.97
CA GLN A 348 -16.12 -13.16 -14.89
C GLN A 348 -15.15 -13.53 -13.77
N ILE A 349 -15.30 -14.74 -13.27
CA ILE A 349 -14.38 -15.29 -12.27
C ILE A 349 -13.19 -16.04 -12.90
N SER A 350 -11.98 -15.78 -12.40
CA SER A 350 -10.76 -16.46 -12.91
C SER A 350 -10.05 -17.35 -11.85
N GLY A 351 -10.60 -18.56 -11.66
CA GLY A 351 -10.01 -19.55 -10.74
C GLY A 351 -8.70 -20.13 -11.26
N PHE A 359 -15.43 -13.05 -1.79
CA PHE A 359 -14.43 -12.88 -0.75
C PHE A 359 -13.37 -11.78 -1.04
N ASN A 360 -13.63 -10.89 -2.02
CA ASN A 360 -12.64 -9.86 -2.43
C ASN A 360 -13.23 -8.59 -3.03
N ALA A 361 -12.44 -7.52 -3.00
CA ALA A 361 -12.90 -6.14 -3.28
C ALA A 361 -13.42 -5.89 -4.69
N ASP A 362 -12.92 -6.67 -5.64
CA ASP A 362 -13.43 -6.61 -7.00
C ASP A 362 -14.90 -7.06 -7.10
N LYS A 363 -15.35 -7.94 -6.21
CA LYS A 363 -16.73 -8.38 -6.19
C LYS A 363 -17.72 -7.29 -5.76
N LEU A 364 -17.24 -6.23 -5.11
CA LEU A 364 -18.14 -5.20 -4.61
C LEU A 364 -18.48 -4.07 -5.61
N THR A 365 -17.87 -4.07 -6.77
CA THR A 365 -17.80 -2.84 -7.57
C THR A 365 -19.11 -2.45 -8.23
N SER A 366 -19.32 -1.15 -8.38
CA SER A 366 -20.45 -0.69 -9.17
C SER A 366 -20.13 -0.64 -10.67
N ALA A 367 -18.85 -0.69 -11.02
CA ALA A 367 -18.42 -0.69 -12.44
C ALA A 367 -19.06 -1.81 -13.25
N THR A 368 -19.39 -1.51 -14.49
CA THR A 368 -19.76 -2.53 -15.47
C THR A 368 -18.60 -2.85 -16.41
N ASN A 369 -18.53 -4.09 -16.88
CA ASN A 369 -17.44 -4.51 -17.75
C ASN A 369 -17.38 -3.68 -19.04
N PRO A 370 -16.25 -3.02 -19.27
CA PRO A 370 -16.21 -2.13 -20.42
C PRO A 370 -16.08 -2.85 -21.75
N ASP A 371 -15.68 -4.12 -21.72
CA ASP A 371 -15.56 -4.95 -22.93
C ASP A 371 -16.89 -5.58 -23.29
N LYS A 372 -17.73 -4.83 -24.00
CA LYS A 372 -19.06 -5.28 -24.43
C LYS A 372 -19.07 -6.27 -25.59
N GLU A 373 -17.94 -6.48 -26.25
CA GLU A 373 -17.90 -7.37 -27.39
C GLU A 373 -18.03 -8.77 -26.87
N ASN A 374 -17.25 -9.08 -25.85
CA ASN A 374 -17.14 -10.46 -25.37
C ASN A 374 -17.93 -10.81 -24.11
N SER A 375 -18.26 -9.81 -23.30
CA SER A 375 -18.76 -10.07 -21.94
C SER A 375 -20.17 -10.69 -21.87
N MET A 376 -20.43 -11.40 -20.78
CA MET A 376 -21.77 -11.80 -20.39
C MET A 376 -22.60 -10.56 -20.09
N SER A 377 -23.89 -10.71 -20.30
CA SER A 377 -24.76 -9.58 -20.23
C SER A 377 -26.02 -10.02 -19.52
N ILE A 378 -26.44 -9.28 -18.51
CA ILE A 378 -27.73 -9.52 -17.88
C ILE A 378 -28.68 -8.35 -18.15
N SER A 379 -29.98 -8.61 -18.05
CA SER A 379 -31.04 -7.61 -18.34
C SER A 379 -32.11 -7.64 -17.28
N ILE A 380 -32.52 -6.45 -16.83
CA ILE A 380 -33.37 -6.33 -15.65
C ILE A 380 -34.31 -5.12 -15.78
N LEU A 381 -35.46 -5.23 -15.10
CA LEU A 381 -36.35 -4.08 -14.97
C LEU A 381 -36.63 -3.81 -13.52
N LEU A 382 -36.57 -2.53 -13.18
CA LEU A 382 -36.95 -2.03 -11.88
C LEU A 382 -38.15 -1.08 -12.05
N ASP A 383 -39.30 -1.51 -11.50
CA ASP A 383 -40.56 -0.73 -11.59
C ASP A 383 -40.83 0.07 -10.31
N ASN A 384 -40.18 -0.33 -9.22
CA ASN A 384 -40.47 0.16 -7.87
C ASN A 384 -40.26 1.67 -7.73
N ARG A 406 -30.74 6.41 31.00
CA ARG A 406 -31.60 5.82 32.04
C ARG A 406 -31.36 4.31 32.21
N ALA A 407 -31.47 3.84 33.45
CA ALA A 407 -31.26 2.42 33.82
C ALA A 407 -29.78 1.99 33.81
N GLU A 408 -29.46 1.03 34.67
CA GLU A 408 -28.09 0.51 34.82
C GLU A 408 -27.96 -0.85 34.15
N MET A 409 -26.79 -1.48 34.35
CA MET A 409 -26.50 -2.78 33.77
C MET A 409 -25.92 -3.70 34.83
N PRO A 410 -26.49 -4.91 34.96
CA PRO A 410 -26.04 -5.89 35.93
C PRO A 410 -24.58 -6.27 35.75
N ASN A 411 -23.89 -6.47 36.85
CA ASN A 411 -22.56 -7.03 36.83
C ASN A 411 -22.34 -7.85 35.56
N GLN A 412 -22.79 -9.10 35.50
CA GLN A 412 -22.23 -10.05 34.50
C GLN A 412 -22.67 -9.88 33.05
N LEU A 413 -23.68 -9.07 32.79
CA LEU A 413 -23.97 -8.73 31.42
C LEU A 413 -22.85 -7.81 30.94
N ARG A 414 -22.70 -6.66 31.62
CA ARG A 414 -21.55 -5.78 31.41
C ARG A 414 -20.31 -6.62 31.10
N LYS A 415 -20.08 -7.67 31.86
CA LYS A 415 -18.93 -8.53 31.65
C LYS A 415 -19.01 -9.39 30.37
N GLN A 416 -20.20 -9.91 30.06
CA GLN A 416 -20.40 -10.63 28.81
C GLN A 416 -20.06 -9.69 27.67
N LEU A 417 -20.64 -8.50 27.75
CA LEU A 417 -20.45 -7.45 26.76
C LEU A 417 -18.97 -7.12 26.60
N GLU A 418 -18.33 -6.77 27.72
CA GLU A 418 -16.92 -6.40 27.71
C GLU A 418 -16.06 -7.54 27.26
N ALA A 419 -16.51 -8.78 27.52
CA ALA A 419 -15.81 -9.94 27.00
C ALA A 419 -15.78 -9.87 25.45
N ILE A 420 -16.95 -9.59 24.89
CA ILE A 420 -17.15 -9.43 23.44
C ILE A 420 -16.32 -8.30 22.86
N ILE A 421 -16.36 -7.15 23.53
CA ILE A 421 -15.62 -6.01 23.05
C ILE A 421 -14.12 -6.27 23.06
N ALA A 422 -13.65 -7.04 24.02
CA ALA A 422 -12.21 -7.31 24.19
C ALA A 422 -11.69 -8.14 23.04
N THR A 423 -12.58 -8.96 22.48
CA THR A 423 -12.28 -9.94 21.42
C THR A 423 -11.55 -9.33 20.21
N ASP A 424 -10.88 -10.15 19.39
CA ASP A 424 -10.23 -9.63 18.16
C ASP A 424 -11.22 -9.44 17.02
N PRO A 425 -10.82 -8.71 15.95
CA PRO A 425 -11.71 -8.41 14.84
C PRO A 425 -12.19 -9.58 14.03
N LEU A 426 -11.47 -10.69 14.06
CA LEU A 426 -11.91 -11.88 13.36
C LEU A 426 -12.78 -12.78 14.22
N ASN A 427 -12.98 -12.42 15.48
CA ASN A 427 -13.83 -13.25 16.35
C ASN A 427 -15.30 -13.03 16.02
N PRO A 428 -15.99 -14.06 15.54
CA PRO A 428 -17.31 -13.85 14.97
C PRO A 428 -18.30 -13.64 16.08
N LEU A 429 -19.13 -12.61 15.96
CA LEU A 429 -20.18 -12.32 16.93
C LEU A 429 -21.33 -13.24 16.64
N THR A 430 -21.80 -13.90 17.69
CA THR A 430 -23.00 -14.71 17.58
C THR A 430 -24.20 -13.76 17.56
N ALA A 431 -25.35 -14.25 17.12
CA ALA A 431 -26.58 -13.49 17.21
C ALA A 431 -26.80 -13.01 18.63
N GLU A 432 -26.42 -13.83 19.60
CA GLU A 432 -26.47 -13.44 21.01
C GLU A 432 -25.59 -12.21 21.23
N ASP A 433 -24.35 -12.33 20.75
CA ASP A 433 -23.37 -11.30 20.95
C ASP A 433 -23.94 -10.01 20.41
N LYS A 434 -24.63 -10.13 19.29
CA LYS A 434 -25.14 -8.96 18.55
C LYS A 434 -26.33 -8.33 19.21
N GLU A 435 -27.24 -9.18 19.65
CA GLU A 435 -28.45 -8.74 20.31
C GLU A 435 -28.02 -8.03 21.57
N LEU A 436 -26.93 -8.49 22.19
CA LEU A 436 -26.46 -7.87 23.41
C LEU A 436 -25.90 -6.50 23.12
N LEU A 437 -24.97 -6.40 22.17
CA LEU A 437 -24.34 -5.10 21.77
C LEU A 437 -25.40 -4.05 21.46
N TRP A 438 -26.43 -4.47 20.73
CA TRP A 438 -27.42 -3.53 20.25
C TRP A 438 -28.25 -3.06 21.40
N HIS A 439 -28.79 -4.01 22.16
CA HIS A 439 -29.75 -3.70 23.22
C HIS A 439 -29.15 -2.75 24.21
N PHE A 440 -27.83 -2.88 24.40
CA PHE A 440 -27.08 -2.03 25.32
C PHE A 440 -26.16 -1.11 24.54
N ARG A 441 -26.70 -0.62 23.45
CA ARG A 441 -25.89 0.20 22.57
C ARG A 441 -25.39 1.46 23.21
N TYR A 442 -26.06 1.92 24.26
CA TYR A 442 -25.60 3.13 24.92
C TYR A 442 -24.39 2.92 25.77
N GLU A 443 -24.32 1.74 26.34
CA GLU A 443 -23.20 1.35 27.15
C GLU A 443 -22.01 1.19 26.22
N SER A 444 -22.29 0.49 25.12
CA SER A 444 -21.38 0.29 24.01
C SER A 444 -20.70 1.56 23.53
N LEU A 445 -21.46 2.65 23.36
CA LEU A 445 -20.86 3.91 22.85
C LEU A 445 -19.74 4.46 23.73
N LYS A 446 -19.69 4.01 24.98
CA LYS A 446 -18.70 4.51 25.92
C LYS A 446 -17.33 3.88 25.65
N HIS A 447 -17.28 2.87 24.79
CA HIS A 447 -16.01 2.25 24.36
C HIS A 447 -15.78 2.37 22.86
N PRO A 448 -14.85 3.27 22.45
CA PRO A 448 -14.45 3.40 21.04
C PRO A 448 -14.13 2.07 20.37
N LYS A 449 -13.53 1.16 21.13
CA LYS A 449 -13.15 -0.11 20.61
C LYS A 449 -14.31 -0.99 20.26
N ALA A 450 -15.51 -0.68 20.75
CA ALA A 450 -16.68 -1.53 20.51
C ALA A 450 -17.36 -1.22 19.19
N TYR A 451 -16.90 -0.17 18.52
CA TYR A 451 -17.61 0.39 17.39
C TYR A 451 -17.76 -0.60 16.23
N PRO A 452 -16.63 -1.14 15.72
CA PRO A 452 -16.73 -2.11 14.62
C PRO A 452 -17.76 -3.17 14.89
N LYS A 453 -17.76 -3.70 16.10
CA LYS A 453 -18.66 -4.80 16.44
C LYS A 453 -20.09 -4.30 16.65
N LEU A 454 -20.23 -3.13 17.25
CA LEU A 454 -21.53 -2.48 17.40
C LEU A 454 -22.19 -2.27 16.07
N PHE A 455 -21.50 -1.59 15.16
CA PHE A 455 -22.12 -1.26 13.87
C PHE A 455 -22.24 -2.42 12.94
N SER A 456 -21.40 -3.43 13.18
CA SER A 456 -21.64 -4.78 12.65
C SER A 456 -22.86 -5.49 13.23
N SER A 457 -23.55 -4.91 14.20
CA SER A 457 -24.72 -5.55 14.80
C SER A 457 -25.96 -4.68 14.62
N VAL A 458 -25.90 -3.78 13.64
CA VAL A 458 -27.02 -2.95 13.29
C VAL A 458 -27.69 -3.69 12.19
N LYS A 459 -28.97 -3.99 12.36
CA LYS A 459 -29.82 -4.53 11.29
C LYS A 459 -30.13 -3.40 10.29
N TRP A 460 -29.26 -3.24 9.29
CA TRP A 460 -29.29 -2.08 8.35
C TRP A 460 -30.49 -2.14 7.41
N GLY A 461 -31.02 -3.36 7.25
CA GLY A 461 -32.26 -3.58 6.52
C GLY A 461 -33.54 -3.13 7.21
N GLN A 462 -33.44 -2.32 8.26
CA GLN A 462 -34.61 -1.84 8.96
C GLN A 462 -34.49 -0.36 9.27
N GLN A 463 -35.35 0.40 8.63
CA GLN A 463 -35.22 1.84 8.63
C GLN A 463 -35.34 2.43 10.03
N GLU A 464 -36.24 1.88 10.84
CA GLU A 464 -36.43 2.35 12.20
C GLU A 464 -35.12 2.17 12.96
N ILE A 465 -34.49 1.04 12.73
CA ILE A 465 -33.23 0.73 13.38
C ILE A 465 -32.08 1.58 12.85
N VAL A 466 -32.00 1.72 11.54
CA VAL A 466 -31.00 2.62 10.97
C VAL A 466 -31.20 3.94 11.68
N ALA A 467 -32.46 4.38 11.80
CA ALA A 467 -32.77 5.72 12.32
C ALA A 467 -32.13 5.84 13.68
N LYS A 468 -32.26 4.77 14.46
CA LYS A 468 -31.80 4.76 15.82
C LYS A 468 -30.29 4.81 15.85
N THR A 469 -29.67 4.17 14.87
CA THR A 469 -28.22 4.15 14.79
C THR A 469 -27.70 5.57 14.63
N TYR A 470 -28.32 6.31 13.72
CA TYR A 470 -27.93 7.70 13.50
C TYR A 470 -28.15 8.47 14.79
N GLN A 471 -29.26 8.17 15.46
CA GLN A 471 -29.60 8.84 16.70
C GLN A 471 -28.43 8.75 17.65
N LEU A 472 -27.76 7.60 17.69
CA LEU A 472 -26.70 7.48 18.69
C LEU A 472 -25.33 7.93 18.15
N LEU A 473 -25.17 7.96 16.83
CA LEU A 473 -24.03 8.70 16.27
C LEU A 473 -24.15 10.22 16.51
N ALA A 474 -25.33 10.70 16.89
CA ALA A 474 -25.52 12.10 17.29
C ALA A 474 -24.86 12.37 18.64
N ARG A 475 -24.87 11.35 19.49
CA ARG A 475 -24.24 11.38 20.82
C ARG A 475 -22.76 10.92 20.73
N ARG A 476 -22.03 11.43 19.73
CA ARG A 476 -20.65 11.00 19.42
C ARG A 476 -19.59 11.28 20.49
N GLU A 477 -19.98 11.88 21.60
CA GLU A 477 -19.04 12.63 22.44
C GLU A 477 -17.83 11.83 22.95
N VAL A 478 -17.96 10.51 23.18
CA VAL A 478 -16.79 9.73 23.66
C VAL A 478 -15.80 9.42 22.51
N TRP A 479 -16.35 8.94 21.39
CA TRP A 479 -15.58 8.71 20.17
C TRP A 479 -14.67 9.88 19.85
N ASP A 480 -15.30 11.04 19.65
CA ASP A 480 -14.61 12.29 19.33
C ASP A 480 -13.43 12.57 20.27
N GLN A 481 -13.65 12.42 21.57
CA GLN A 481 -12.56 12.66 22.54
C GLN A 481 -11.41 11.64 22.50
N SER A 482 -11.66 10.44 21.99
CA SER A 482 -10.66 9.33 22.07
C SER A 482 -9.39 9.56 21.26
N ALA A 483 -8.27 9.06 21.76
CA ALA A 483 -7.02 9.18 21.03
C ALA A 483 -7.13 8.34 19.76
N LEU A 484 -6.73 8.93 18.63
CA LEU A 484 -6.73 8.25 17.33
C LEU A 484 -6.04 6.93 17.44
N ASP A 485 -6.52 5.97 16.68
CA ASP A 485 -6.08 4.59 16.77
C ASP A 485 -6.32 4.04 15.38
N VAL A 486 -5.27 4.02 14.58
CA VAL A 486 -5.43 3.89 13.13
C VAL A 486 -6.01 2.56 12.79
N GLY A 487 -5.54 1.54 13.45
CA GLY A 487 -6.20 0.22 13.36
C GLY A 487 -7.71 0.26 13.55
N LEU A 488 -8.13 0.82 14.66
CA LEU A 488 -9.55 0.90 14.94
C LEU A 488 -10.25 1.72 13.87
N THR A 489 -9.67 2.83 13.46
CA THR A 489 -10.32 3.61 12.43
C THR A 489 -10.43 2.80 11.15
N MET A 490 -9.29 2.26 10.73
CA MET A 490 -9.23 1.48 9.51
C MET A 490 -10.28 0.37 9.43
N GLN A 491 -10.59 -0.24 10.56
CA GLN A 491 -11.64 -1.26 10.60
C GLN A 491 -12.93 -0.72 10.11
N LEU A 492 -13.19 0.58 10.37
CA LEU A 492 -14.47 1.17 9.93
C LEU A 492 -14.52 1.48 8.44
N LEU A 493 -13.49 1.12 7.70
CA LEU A 493 -13.51 1.33 6.24
C LEU A 493 -13.32 0.04 5.41
N ASP A 494 -13.43 -1.13 6.02
CA ASP A 494 -13.29 -2.35 5.25
C ASP A 494 -14.65 -2.68 4.61
N CYS A 495 -14.78 -3.87 4.07
CA CYS A 495 -16.01 -4.27 3.39
C CYS A 495 -17.20 -4.54 4.29
N ASN A 496 -16.98 -4.62 5.61
CA ASN A 496 -18.06 -4.88 6.58
C ASN A 496 -18.98 -3.68 6.83
N PHE A 497 -18.50 -2.46 6.55
CA PHE A 497 -19.23 -1.25 6.86
C PHE A 497 -19.55 -0.53 5.58
N SER A 498 -20.82 -0.25 5.34
CA SER A 498 -21.15 0.34 4.06
C SER A 498 -22.21 1.44 4.18
N ASP A 499 -22.17 2.12 5.33
CA ASP A 499 -23.02 3.24 5.66
C ASP A 499 -22.22 4.54 5.71
N GLU A 500 -22.76 5.56 5.08
CA GLU A 500 -22.06 6.82 4.92
C GLU A 500 -21.60 7.39 6.25
N ASN A 501 -22.49 7.37 7.22
CA ASN A 501 -22.19 8.06 8.44
C ASN A 501 -21.18 7.34 9.31
N VAL A 502 -21.23 6.01 9.30
CA VAL A 502 -20.21 5.21 9.96
C VAL A 502 -18.83 5.55 9.39
N ARG A 503 -18.69 5.41 8.09
CA ARG A 503 -17.39 5.56 7.46
C ARG A 503 -16.87 6.98 7.69
N ALA A 504 -17.81 7.92 7.76
CA ALA A 504 -17.44 9.34 7.98
C ALA A 504 -16.80 9.55 9.35
N ILE A 505 -17.27 8.86 10.35
CA ILE A 505 -16.73 9.10 11.67
C ILE A 505 -15.29 8.60 11.71
N ALA A 506 -15.03 7.52 10.99
CA ALA A 506 -13.66 6.99 10.79
C ALA A 506 -12.79 8.06 10.17
N VAL A 507 -13.18 8.52 8.99
CA VAL A 507 -12.40 9.52 8.30
C VAL A 507 -12.14 10.72 9.17
N GLN A 508 -13.17 11.13 9.92
CA GLN A 508 -13.06 12.23 10.88
C GLN A 508 -11.77 12.09 11.66
N LYS A 509 -11.53 10.87 12.13
CA LYS A 509 -10.35 10.57 12.94
C LYS A 509 -9.06 10.73 12.20
N LEU A 510 -9.04 10.32 10.94
CA LEU A 510 -7.79 10.42 10.18
C LEU A 510 -7.33 11.88 9.99
N GLU A 511 -8.24 12.85 10.14
CA GLU A 511 -7.91 14.25 9.95
C GLU A 511 -6.79 14.65 10.88
N SER A 512 -6.74 14.03 12.05
CA SER A 512 -5.76 14.38 13.08
C SER A 512 -4.40 13.78 12.81
N LEU A 513 -4.30 12.91 11.81
CA LEU A 513 -2.97 12.43 11.38
C LEU A 513 -2.17 13.56 10.80
N GLU A 514 -0.91 13.61 11.19
CA GLU A 514 0.05 14.45 10.51
C GLU A 514 0.51 13.75 9.27
N ASP A 515 1.03 14.52 8.32
CA ASP A 515 1.59 14.01 7.06
C ASP A 515 2.43 12.72 7.20
N ASP A 516 3.39 12.81 8.10
CA ASP A 516 4.23 11.70 8.44
C ASP A 516 3.47 10.38 8.40
N ASP A 517 2.37 10.30 9.16
CA ASP A 517 1.58 9.08 9.29
C ASP A 517 0.79 8.78 8.03
N VAL A 518 0.24 9.80 7.41
CA VAL A 518 -0.52 9.56 6.21
C VAL A 518 0.26 8.70 5.21
N LEU A 519 1.54 9.02 5.00
CA LEU A 519 2.40 8.27 4.09
C LEU A 519 2.45 6.80 4.48
N HIS A 520 2.55 6.52 5.78
CA HIS A 520 2.55 5.14 6.27
C HIS A 520 1.36 4.34 5.86
N TYR A 521 0.21 4.99 5.70
CA TYR A 521 -1.06 4.30 5.41
C TYR A 521 -1.66 4.66 4.08
N LEU A 522 -0.99 5.60 3.41
CA LEU A 522 -1.50 6.15 2.15
C LEU A 522 -1.97 5.08 1.17
N LEU A 523 -1.11 4.10 0.91
CA LEU A 523 -1.45 3.02 -0.02
C LEU A 523 -2.69 2.22 0.44
N GLN A 524 -2.85 2.02 1.73
CA GLN A 524 -3.98 1.18 2.16
C GLN A 524 -5.26 1.98 2.14
N LEU A 525 -5.19 3.25 2.55
CA LEU A 525 -6.35 4.17 2.39
C LEU A 525 -6.76 4.33 0.92
N VAL A 526 -5.81 4.50 0.02
CA VAL A 526 -6.16 4.53 -1.38
C VAL A 526 -6.92 3.26 -1.72
N GLN A 527 -6.41 2.12 -1.28
CA GLN A 527 -7.04 0.85 -1.57
C GLN A 527 -8.38 0.76 -0.88
N ALA A 528 -8.49 1.37 0.30
CA ALA A 528 -9.79 1.40 1.01
C ALA A 528 -10.91 2.04 0.19
N VAL A 529 -10.55 2.81 -0.84
CA VAL A 529 -11.58 3.40 -1.70
C VAL A 529 -12.32 2.30 -2.47
N LYS A 530 -11.69 1.15 -2.61
CA LYS A 530 -12.40 0.04 -3.21
C LYS A 530 -13.70 -0.31 -2.47
N PHE A 531 -13.69 -0.19 -1.14
CA PHE A 531 -14.87 -0.54 -0.34
C PHE A 531 -15.91 0.58 -0.26
N GLU A 532 -15.57 1.77 -0.74
CA GLU A 532 -16.56 2.86 -0.83
C GLU A 532 -17.72 2.50 -1.76
N PRO A 533 -18.95 2.68 -1.30
CA PRO A 533 -20.10 2.47 -2.18
C PRO A 533 -20.28 3.55 -3.23
N TYR A 534 -19.78 4.74 -2.93
CA TYR A 534 -19.92 5.89 -3.84
C TYR A 534 -18.58 6.48 -4.25
N HIS A 535 -18.58 7.03 -5.46
CA HIS A 535 -17.41 7.72 -5.99
C HIS A 535 -16.97 8.90 -5.17
N ASP A 536 -17.90 9.79 -4.80
CA ASP A 536 -17.52 10.87 -3.86
C ASP A 536 -17.74 10.33 -2.49
N SER A 537 -16.76 10.47 -1.61
CA SER A 537 -16.86 9.93 -0.28
C SER A 537 -15.97 10.70 0.65
N ALA A 538 -16.27 10.68 1.94
CA ALA A 538 -15.38 11.36 2.86
C ALA A 538 -13.93 10.90 2.59
N LEU A 539 -13.76 9.56 2.45
CA LEU A 539 -12.43 8.99 2.28
C LEU A 539 -11.77 9.54 1.05
N ALA A 540 -12.49 9.52 -0.07
CA ALA A 540 -11.92 10.05 -1.30
C ALA A 540 -11.41 11.47 -1.02
N ARG A 541 -12.30 12.30 -0.55
CA ARG A 541 -11.98 13.71 -0.36
C ARG A 541 -10.81 13.89 0.55
N PHE A 542 -10.75 13.13 1.63
CA PHE A 542 -9.61 13.22 2.55
C PHE A 542 -8.27 12.92 1.87
N LEU A 543 -8.21 11.85 1.08
CA LEU A 543 -7.00 11.61 0.32
C LEU A 543 -6.67 12.86 -0.53
N LEU A 544 -7.63 13.26 -1.34
CA LEU A 544 -7.51 14.46 -2.16
C LEU A 544 -7.15 15.71 -1.33
N LYS A 545 -7.78 15.90 -0.19
CA LYS A 545 -7.34 16.97 0.67
C LYS A 545 -5.81 16.86 0.82
N ARG A 546 -5.39 15.78 1.46
CA ARG A 546 -4.06 15.68 2.02
C ARG A 546 -3.02 15.67 0.92
N GLY A 547 -3.35 15.02 -0.18
CA GLY A 547 -2.43 14.97 -1.32
C GLY A 547 -2.14 16.36 -1.83
N LEU A 548 -3.21 17.14 -2.01
CA LEU A 548 -3.07 18.53 -2.46
C LEU A 548 -2.37 19.41 -1.43
N ARG A 549 -2.48 19.04 -0.16
CA ARG A 549 -1.90 19.87 0.90
C ARG A 549 -0.38 19.75 0.97
N ASN A 550 0.14 18.56 0.72
CA ASN A 550 1.55 18.26 0.88
C ASN A 550 2.05 17.54 -0.38
N LYS A 551 3.15 18.02 -0.94
CA LYS A 551 3.67 17.53 -2.21
C LYS A 551 4.04 16.05 -2.16
N ARG A 552 4.73 15.66 -1.10
CA ARG A 552 5.19 14.31 -1.00
C ARG A 552 4.02 13.33 -1.11
N ILE A 553 3.06 13.40 -0.18
CA ILE A 553 1.81 12.65 -0.33
C ILE A 553 1.20 12.76 -1.76
N GLY A 554 1.09 13.97 -2.26
CA GLY A 554 0.56 14.18 -3.60
C GLY A 554 1.29 13.38 -4.66
N HIS A 555 2.58 13.14 -4.47
CA HIS A 555 3.36 12.36 -5.43
C HIS A 555 3.03 10.88 -5.36
N PHE A 556 3.05 10.35 -4.15
CA PHE A 556 2.75 8.92 -3.96
C PHE A 556 1.29 8.58 -4.20
N LEU A 557 0.43 9.58 -4.10
CA LEU A 557 -0.97 9.40 -4.34
C LEU A 557 -1.17 9.25 -5.83
N PHE A 558 -0.52 10.15 -6.56
CA PHE A 558 -0.53 10.10 -8.03
C PHE A 558 -0.21 8.72 -8.59
N TRP A 559 0.93 8.17 -8.18
CA TRP A 559 1.32 6.84 -8.64
C TRP A 559 0.47 5.74 -8.06
N PHE A 560 0.07 5.80 -6.79
CA PHE A 560 -0.81 4.76 -6.25
C PHE A 560 -2.11 4.69 -7.05
N LEU A 561 -2.68 5.86 -7.31
CA LEU A 561 -3.87 5.92 -8.12
C LEU A 561 -3.56 5.35 -9.50
N ARG A 562 -2.60 5.99 -10.18
CA ARG A 562 -2.26 5.60 -11.56
C ARG A 562 -1.99 4.12 -11.69
N SER A 563 -1.35 3.56 -10.66
CA SER A 563 -1.06 2.12 -10.58
C SER A 563 -2.28 1.30 -10.80
N GLU A 564 -3.41 1.72 -10.21
CA GLU A 564 -4.65 0.96 -10.28
C GLU A 564 -5.40 1.33 -11.52
N ILE A 565 -5.43 2.61 -11.84
CA ILE A 565 -6.16 3.02 -13.03
C ILE A 565 -5.66 2.29 -14.25
N ALA A 566 -4.37 1.96 -14.27
CA ALA A 566 -3.74 1.31 -15.42
C ALA A 566 -4.09 -0.16 -15.52
N GLN A 567 -4.60 -0.72 -14.44
CA GLN A 567 -4.75 -2.17 -14.41
C GLN A 567 -5.86 -2.74 -13.51
N SER A 568 -6.87 -1.93 -13.21
CA SER A 568 -8.05 -2.42 -12.54
C SER A 568 -9.18 -2.01 -13.41
N ARG A 569 -9.75 -2.95 -14.12
CA ARG A 569 -10.96 -2.64 -14.87
C ARG A 569 -12.05 -2.23 -13.85
N HIS A 570 -12.09 -2.93 -12.72
CA HIS A 570 -13.16 -2.79 -11.75
C HIS A 570 -13.26 -1.40 -11.10
N TYR A 571 -12.14 -0.68 -11.03
CA TYR A 571 -12.09 0.59 -10.31
C TYR A 571 -11.46 1.78 -11.05
N GLN A 572 -10.92 1.56 -12.22
CA GLN A 572 -10.16 2.61 -12.90
C GLN A 572 -11.00 3.85 -13.22
N GLN A 573 -12.27 3.68 -13.48
CA GLN A 573 -13.11 4.85 -13.64
C GLN A 573 -13.05 5.66 -12.35
N ARG A 574 -13.56 5.11 -11.27
CA ARG A 574 -13.58 5.80 -10.01
C ARG A 574 -12.29 6.49 -9.67
N PHE A 575 -11.19 5.74 -9.68
CA PHE A 575 -9.91 6.31 -9.24
C PHE A 575 -9.46 7.41 -10.19
N ALA A 576 -9.94 7.34 -11.43
CA ALA A 576 -9.54 8.28 -12.47
C ALA A 576 -10.16 9.62 -12.17
N VAL A 577 -11.46 9.64 -11.94
CA VAL A 577 -12.10 10.88 -11.54
C VAL A 577 -11.31 11.48 -10.38
N ILE A 578 -10.78 10.66 -9.47
CA ILE A 578 -10.09 11.20 -8.29
C ILE A 578 -8.68 11.69 -8.63
N LEU A 579 -8.00 10.94 -9.49
CA LEU A 579 -6.68 11.34 -9.90
C LEU A 579 -6.81 12.68 -10.56
N GLU A 580 -7.87 12.86 -11.33
CA GLU A 580 -8.06 14.11 -12.06
C GLU A 580 -8.22 15.24 -11.05
N ALA A 581 -9.13 15.07 -10.09
CA ALA A 581 -9.28 16.09 -9.04
C ALA A 581 -7.90 16.54 -8.54
N TYR A 582 -7.02 15.58 -8.25
CA TYR A 582 -5.67 15.93 -7.77
C TYR A 582 -4.89 16.81 -8.77
N LEU A 583 -4.70 16.28 -9.95
CA LEU A 583 -3.90 16.90 -10.99
C LEU A 583 -4.45 18.26 -11.34
N ARG A 584 -5.77 18.41 -11.27
CA ARG A 584 -6.39 19.72 -11.49
C ARG A 584 -6.04 20.78 -10.45
N GLY A 585 -5.35 20.40 -9.39
CA GLY A 585 -5.01 21.38 -8.36
C GLY A 585 -3.61 21.32 -7.79
N CYS A 586 -2.76 20.46 -8.36
CA CYS A 586 -1.49 20.16 -7.75
C CYS A 586 -0.36 21.14 -8.09
N GLY A 587 -0.58 21.95 -9.12
CA GLY A 587 0.41 22.94 -9.56
C GLY A 587 1.05 22.54 -10.89
N THR A 588 1.34 23.53 -11.73
CA THR A 588 2.04 23.24 -12.99
C THR A 588 3.44 22.61 -12.74
N ALA A 589 4.14 23.05 -11.71
CA ALA A 589 5.43 22.44 -11.39
C ALA A 589 5.24 20.97 -11.55
N MET A 590 4.29 20.45 -10.79
CA MET A 590 4.18 19.03 -10.63
C MET A 590 3.66 18.32 -11.85
N LEU A 591 2.69 18.90 -12.56
CA LEU A 591 2.29 18.36 -13.87
C LEU A 591 3.53 18.13 -14.72
N HIS A 592 4.41 19.12 -14.74
CA HIS A 592 5.64 19.02 -15.50
C HIS A 592 6.42 17.79 -15.05
N ASP A 593 6.77 17.74 -13.76
CA ASP A 593 7.47 16.57 -13.20
C ASP A 593 6.81 15.27 -13.62
N PHE A 594 5.50 15.17 -13.39
CA PHE A 594 4.76 13.93 -13.71
C PHE A 594 4.81 13.55 -15.18
N THR A 595 4.50 14.54 -16.01
CA THR A 595 4.50 14.35 -17.45
C THR A 595 5.82 13.73 -17.90
N GLN A 596 6.91 14.27 -17.39
CA GLN A 596 8.27 13.75 -17.62
C GLN A 596 8.42 12.32 -17.12
N GLN A 597 7.99 12.09 -15.89
CA GLN A 597 8.10 10.78 -15.29
C GLN A 597 7.34 9.80 -16.20
N VAL A 598 6.07 10.08 -16.44
CA VAL A 598 5.26 9.18 -17.26
C VAL A 598 6.00 8.87 -18.57
N GLN A 599 6.59 9.90 -19.17
CA GLN A 599 7.28 9.74 -20.46
C GLN A 599 8.49 8.83 -20.37
N VAL A 600 9.38 9.14 -19.46
CA VAL A 600 10.44 8.20 -19.13
C VAL A 600 9.86 6.80 -18.92
N ILE A 601 8.87 6.68 -18.05
CA ILE A 601 8.32 5.36 -17.74
C ILE A 601 7.80 4.63 -18.97
N GLU A 602 7.00 5.30 -19.79
CA GLU A 602 6.43 4.62 -20.95
C GLU A 602 7.56 4.14 -21.90
N MET A 603 8.45 5.05 -22.28
CA MET A 603 9.65 4.66 -23.04
C MET A 603 10.20 3.32 -22.57
N LEU A 604 10.50 3.26 -21.28
CA LEU A 604 11.21 2.12 -20.71
C LEU A 604 10.36 0.83 -20.61
N GLN A 605 9.02 0.97 -20.67
CA GLN A 605 8.13 -0.19 -20.74
C GLN A 605 8.25 -0.83 -22.11
N LYS A 606 8.40 -0.01 -23.14
CA LYS A 606 8.61 -0.55 -24.47
C LYS A 606 9.92 -1.35 -24.51
N VAL A 607 11.00 -0.70 -24.08
CA VAL A 607 12.33 -1.31 -24.20
C VAL A 607 12.33 -2.63 -23.47
N THR A 608 11.75 -2.62 -22.27
CA THR A 608 11.72 -3.81 -21.44
C THR A 608 10.89 -4.95 -22.09
N LEU A 609 9.81 -4.59 -22.78
CA LEU A 609 8.93 -5.59 -23.44
C LEU A 609 9.59 -6.13 -24.71
N ASP A 610 10.00 -5.24 -25.60
CA ASP A 610 10.75 -5.62 -26.82
C ASP A 610 11.85 -6.63 -26.47
N ILE A 611 12.58 -6.37 -25.39
CA ILE A 611 13.67 -7.22 -24.98
C ILE A 611 13.21 -8.56 -24.41
N LYS A 612 12.16 -8.58 -23.61
CA LYS A 612 11.76 -9.84 -22.98
C LYS A 612 11.41 -10.89 -24.05
N SER A 613 10.57 -10.47 -25.00
CA SER A 613 10.25 -11.29 -26.18
C SER A 613 11.52 -11.80 -26.86
N LEU A 614 12.44 -10.88 -27.14
CA LEU A 614 13.75 -11.23 -27.74
C LEU A 614 14.62 -12.13 -26.85
N SER A 615 14.00 -13.05 -26.11
CA SER A 615 14.69 -13.99 -25.19
C SER A 615 13.75 -15.09 -24.66
N ALA A 616 14.05 -16.34 -25.00
CA ALA A 616 13.30 -17.49 -24.50
C ALA A 616 13.91 -18.06 -23.21
N GLU A 617 13.36 -19.18 -22.73
CA GLU A 617 13.76 -19.78 -21.43
C GLU A 617 15.19 -20.37 -21.38
N LYS A 618 16.03 -20.05 -22.37
CA LYS A 618 17.46 -20.35 -22.26
C LYS A 618 18.06 -19.35 -21.29
N TYR A 619 18.62 -19.87 -20.19
CA TYR A 619 19.11 -19.03 -19.10
C TYR A 619 20.56 -18.58 -19.32
N ASP A 620 20.63 -17.54 -20.14
CA ASP A 620 21.85 -17.02 -20.70
C ASP A 620 21.42 -15.70 -21.35
N VAL A 621 22.32 -14.73 -21.37
CA VAL A 621 22.03 -13.42 -21.95
C VAL A 621 23.03 -13.14 -23.08
N SER A 622 22.65 -13.58 -24.29
CA SER A 622 23.56 -13.56 -25.44
C SER A 622 23.90 -12.14 -25.81
N SER A 623 25.14 -11.92 -26.26
CA SER A 623 25.62 -10.57 -26.55
C SER A 623 24.76 -9.87 -27.62
N GLN A 624 24.32 -10.59 -28.66
CA GLN A 624 23.44 -9.97 -29.66
C GLN A 624 22.06 -9.61 -29.08
N VAL A 625 21.79 -10.09 -27.86
CA VAL A 625 20.70 -9.55 -27.02
C VAL A 625 21.18 -8.32 -26.22
N ILE A 626 22.37 -8.42 -25.63
CA ILE A 626 22.97 -7.27 -24.92
C ILE A 626 23.43 -6.21 -25.93
N SER A 627 23.61 -6.62 -27.18
CA SER A 627 23.86 -5.71 -28.29
C SER A 627 22.59 -4.92 -28.54
N GLN A 628 21.48 -5.63 -28.56
CA GLN A 628 20.18 -5.01 -28.80
C GLN A 628 19.85 -3.98 -27.72
N LEU A 629 20.08 -4.34 -26.45
CA LEU A 629 19.77 -3.44 -25.35
C LEU A 629 20.65 -2.22 -25.39
N LYS A 630 21.95 -2.46 -25.29
CA LYS A 630 22.93 -1.39 -25.34
C LYS A 630 22.56 -0.37 -26.40
N GLN A 631 22.31 -0.86 -27.61
CA GLN A 631 21.82 -0.02 -28.70
C GLN A 631 20.54 0.72 -28.31
N LYS A 632 19.46 -0.01 -28.07
CA LYS A 632 18.17 0.61 -27.77
C LYS A 632 18.27 1.83 -26.86
N LEU A 633 19.09 1.73 -25.81
CA LEU A 633 19.28 2.83 -24.86
C LEU A 633 19.93 4.07 -25.48
N GLU A 634 20.95 3.82 -26.29
CA GLU A 634 21.57 4.88 -27.09
C GLU A 634 20.53 5.51 -27.97
N ASN A 635 19.78 4.68 -28.69
CA ASN A 635 18.74 5.18 -29.62
C ASN A 635 17.58 5.88 -28.91
N LEU A 636 17.71 6.08 -27.59
CA LEU A 636 16.67 6.73 -26.78
C LEU A 636 17.10 8.04 -26.11
N GLN A 637 18.41 8.24 -25.99
CA GLN A 637 19.01 9.26 -25.09
C GLN A 637 18.96 10.81 -25.36
N ASN A 638 19.40 11.41 -26.47
CA ASN A 638 19.58 10.90 -27.85
C ASN A 638 18.34 11.15 -28.69
N SER A 639 17.20 10.63 -28.27
CA SER A 639 15.97 10.82 -29.02
C SER A 639 15.34 12.20 -28.65
N GLN A 640 14.66 12.49 -27.53
CA GLN A 640 13.57 11.78 -26.75
C GLN A 640 13.67 11.84 -25.18
N LEU A 641 14.37 10.87 -24.58
CA LEU A 641 14.57 10.81 -23.10
C LEU A 641 15.08 12.14 -22.51
N PRO A 642 14.36 12.73 -21.52
CA PRO A 642 14.67 14.11 -21.20
C PRO A 642 15.88 14.23 -20.32
N GLU A 643 16.36 15.45 -20.21
CA GLU A 643 17.57 15.80 -19.46
C GLU A 643 17.59 15.22 -18.07
N SER A 644 16.41 15.18 -17.44
CA SER A 644 16.27 14.57 -16.12
C SER A 644 14.81 14.42 -15.67
N PHE A 645 14.54 13.28 -15.01
CA PHE A 645 13.24 12.93 -14.47
C PHE A 645 13.35 12.50 -13.02
N ARG A 646 12.27 12.69 -12.29
CA ARG A 646 12.26 12.54 -10.84
C ARG A 646 11.97 11.08 -10.51
N VAL A 647 12.69 10.55 -9.53
CA VAL A 647 12.64 9.12 -9.22
C VAL A 647 11.40 8.79 -8.43
N PRO A 648 10.43 8.07 -9.04
CA PRO A 648 9.27 7.72 -8.23
C PRO A 648 9.82 6.70 -7.25
N TYR A 649 9.09 6.31 -6.24
CA TYR A 649 9.70 5.45 -5.20
C TYR A 649 10.65 6.26 -4.31
N ASP A 650 11.22 7.34 -4.83
CA ASP A 650 12.05 8.29 -4.05
C ASP A 650 12.14 9.69 -4.70
N PRO A 651 11.07 10.48 -4.62
CA PRO A 651 10.98 11.75 -5.36
C PRO A 651 11.88 12.90 -4.89
N GLY A 652 12.73 12.67 -3.88
CA GLY A 652 13.87 13.55 -3.68
C GLY A 652 14.91 13.49 -4.81
N LEU A 653 15.19 12.29 -5.32
CA LEU A 653 16.22 12.09 -6.34
C LEU A 653 15.75 12.40 -7.75
N LYS A 654 16.47 13.29 -8.44
CA LYS A 654 16.36 13.50 -9.90
C LYS A 654 17.37 12.57 -10.59
N ALA A 655 16.95 11.91 -11.67
CA ALA A 655 17.85 11.14 -12.51
C ALA A 655 17.97 11.84 -13.85
N GLY A 656 19.18 11.86 -14.43
CA GLY A 656 19.41 12.40 -15.76
C GLY A 656 19.71 11.30 -16.79
N ALA A 657 20.94 11.29 -17.32
CA ALA A 657 21.28 10.40 -18.44
C ALA A 657 21.70 9.02 -17.99
N LEU A 658 21.46 8.00 -18.82
CA LEU A 658 21.88 6.62 -18.51
C LEU A 658 23.39 6.40 -18.47
N ALA A 659 23.80 5.38 -17.71
CA ALA A 659 25.19 4.89 -17.74
C ALA A 659 25.21 3.60 -18.52
N ILE A 660 24.91 3.69 -19.80
CA ILE A 660 24.77 2.50 -20.65
C ILE A 660 25.66 1.32 -20.23
N GLU A 661 26.98 1.49 -20.26
CA GLU A 661 27.90 0.40 -19.88
C GLU A 661 27.49 -0.37 -18.63
N LYS A 662 26.75 0.26 -17.72
CA LYS A 662 26.37 -0.40 -16.49
C LYS A 662 24.99 -1.05 -16.52
N CYS A 663 24.23 -0.80 -17.58
CA CYS A 663 22.89 -1.38 -17.77
C CYS A 663 22.93 -2.83 -18.24
N LYS A 664 22.02 -3.66 -17.75
CA LYS A 664 22.02 -5.06 -18.13
C LYS A 664 20.66 -5.79 -17.96
N VAL A 665 20.44 -6.80 -18.78
CA VAL A 665 19.33 -7.75 -18.60
C VAL A 665 19.78 -8.85 -17.62
N MET A 666 18.90 -9.36 -16.78
CA MET A 666 19.34 -9.87 -15.46
C MET A 666 19.64 -11.37 -15.29
N ALA A 667 19.45 -12.15 -16.34
CA ALA A 667 19.71 -13.57 -16.20
C ALA A 667 18.77 -14.09 -15.11
N SER A 668 17.50 -13.79 -15.28
CA SER A 668 16.42 -14.43 -14.56
C SER A 668 15.24 -14.72 -15.50
N LYS A 669 14.36 -15.63 -15.09
CA LYS A 669 13.20 -16.00 -15.88
C LYS A 669 12.58 -14.77 -16.57
N LYS A 670 12.33 -13.72 -15.78
CA LYS A 670 11.58 -12.58 -16.28
C LYS A 670 12.40 -11.62 -17.13
N LYS A 671 13.72 -11.80 -17.12
CA LYS A 671 14.61 -10.92 -17.87
C LYS A 671 14.27 -9.45 -17.57
N PRO A 672 14.39 -9.03 -16.32
CA PRO A 672 14.22 -7.62 -16.01
C PRO A 672 15.41 -6.76 -16.42
N LEU A 673 15.18 -5.49 -16.73
CA LEU A 673 16.27 -4.55 -17.00
C LEU A 673 16.85 -4.12 -15.68
N TRP A 674 18.12 -3.71 -15.71
CA TRP A 674 18.82 -3.21 -14.55
C TRP A 674 19.42 -1.97 -15.08
N LEU A 675 18.85 -0.84 -14.72
CA LEU A 675 19.25 0.41 -15.31
C LEU A 675 19.95 1.23 -14.26
N GLU A 676 21.03 1.88 -14.65
CA GLU A 676 21.74 2.78 -13.75
C GLU A 676 21.73 4.14 -14.41
N PHE A 677 21.51 5.17 -13.61
CA PHE A 677 21.52 6.54 -14.09
C PHE A 677 22.51 7.38 -13.34
N LYS A 678 22.86 8.48 -13.98
CA LYS A 678 23.56 9.57 -13.32
C LYS A 678 22.53 10.39 -12.56
N CYS A 679 23.02 11.20 -11.62
CA CYS A 679 22.17 12.06 -10.85
C CYS A 679 22.22 13.52 -11.33
N ALA A 680 21.15 13.96 -11.97
CA ALA A 680 21.11 15.31 -12.50
C ALA A 680 21.44 16.45 -11.51
N ASP A 681 21.53 16.18 -10.21
CA ASP A 681 21.90 17.25 -9.25
C ASP A 681 23.41 17.43 -9.20
N PRO A 682 23.91 18.58 -9.69
CA PRO A 682 25.35 18.74 -9.64
C PRO A 682 25.92 18.78 -8.24
N THR A 683 25.08 18.81 -7.22
CA THR A 683 25.55 19.09 -5.88
C THR A 683 25.79 17.86 -5.01
N ALA A 684 25.36 16.67 -5.41
CA ALA A 684 25.41 15.53 -4.48
C ALA A 684 26.84 15.19 -4.05
N LEU A 685 27.00 14.59 -2.87
CA LEU A 685 28.36 14.25 -2.33
C LEU A 685 29.01 13.01 -2.98
N SER A 686 28.29 12.31 -3.84
CA SER A 686 28.84 11.06 -4.40
C SER A 686 28.74 10.94 -5.91
N ASN A 687 29.21 9.80 -6.40
CA ASN A 687 29.06 9.43 -7.80
C ASN A 687 28.30 8.12 -7.94
N GLU A 688 28.03 7.45 -6.83
CA GLU A 688 27.19 6.28 -6.85
C GLU A 688 25.92 6.56 -7.64
N THR A 689 25.54 5.55 -8.39
CA THR A 689 24.65 5.74 -9.51
C THR A 689 23.24 5.60 -8.97
N ILE A 690 22.26 6.07 -9.72
CA ILE A 690 20.88 5.83 -9.34
C ILE A 690 20.40 4.62 -10.13
N GLY A 691 20.14 3.53 -9.41
CA GLY A 691 19.83 2.26 -10.05
C GLY A 691 18.37 1.87 -9.97
N ILE A 692 17.79 1.63 -11.13
CA ILE A 692 16.40 1.25 -11.20
C ILE A 692 16.25 0.00 -12.01
N ILE A 693 15.39 -0.92 -11.55
CA ILE A 693 15.01 -2.08 -12.33
C ILE A 693 13.67 -1.81 -12.98
N PHE A 694 13.41 -2.41 -14.14
CA PHE A 694 12.05 -2.52 -14.70
C PHE A 694 11.67 -3.98 -14.96
N LYS A 695 10.38 -4.29 -14.81
CA LYS A 695 9.95 -5.70 -14.83
C LYS A 695 8.51 -5.93 -15.25
N HIS A 696 8.30 -6.67 -16.36
CA HIS A 696 7.01 -7.27 -16.72
C HIS A 696 6.97 -8.68 -16.15
N GLY A 697 5.80 -9.12 -15.66
CA GLY A 697 5.60 -10.56 -15.35
C GLY A 697 4.75 -10.85 -14.15
N ASP A 698 5.27 -10.45 -12.99
CA ASP A 698 4.54 -10.45 -11.72
C ASP A 698 3.69 -9.15 -11.53
N ASP A 699 2.62 -9.29 -10.76
CA ASP A 699 1.82 -8.16 -10.32
C ASP A 699 2.57 -7.42 -9.20
N LEU A 700 3.10 -6.25 -9.54
CA LEU A 700 3.90 -5.49 -8.59
C LEU A 700 3.12 -4.96 -7.38
N ARG A 701 1.81 -4.82 -7.52
CA ARG A 701 1.01 -4.25 -6.45
C ARG A 701 1.10 -5.04 -5.14
N GLN A 702 1.04 -6.36 -5.24
CA GLN A 702 1.22 -7.23 -4.07
C GLN A 702 2.52 -6.86 -3.33
N ASP A 703 3.59 -6.69 -4.11
CA ASP A 703 4.87 -6.29 -3.56
C ASP A 703 4.75 -4.97 -2.78
N MET A 704 4.10 -3.96 -3.34
CA MET A 704 3.98 -2.63 -2.68
C MET A 704 3.31 -2.79 -1.31
N LEU A 705 2.24 -3.56 -1.31
CA LEU A 705 1.50 -3.82 -0.09
C LEU A 705 2.38 -4.42 1.03
N ILE A 706 3.15 -5.48 0.72
CA ILE A 706 4.02 -6.13 1.73
C ILE A 706 5.10 -5.19 2.24
N LEU A 707 5.74 -4.49 1.32
CA LEU A 707 6.64 -3.45 1.72
C LEU A 707 5.92 -2.47 2.65
N GLN A 708 4.79 -1.92 2.28
CA GLN A 708 4.27 -0.85 3.15
C GLN A 708 3.96 -1.39 4.56
N ILE A 709 3.43 -2.60 4.65
CA ILE A 709 3.32 -3.21 5.96
C ILE A 709 4.67 -3.27 6.66
N LEU A 710 5.71 -3.64 5.92
CA LEU A 710 7.05 -3.75 6.49
C LEU A 710 7.46 -2.44 7.15
N ARG A 711 7.11 -1.34 6.53
CA ARG A 711 7.34 -0.01 7.13
C ARG A 711 6.44 0.22 8.38
N ILE A 712 5.20 -0.27 8.33
CA ILE A 712 4.32 -0.13 9.47
C ILE A 712 4.94 -0.87 10.65
N MET A 713 5.47 -2.07 10.41
CA MET A 713 6.22 -2.82 11.43
C MET A 713 7.48 -2.08 11.96
N GLU A 714 8.24 -1.46 11.06
CA GLU A 714 9.44 -0.77 11.48
C GLU A 714 9.04 0.31 12.47
N SER A 715 8.16 1.19 12.03
CA SER A 715 7.63 2.25 12.90
C SER A 715 7.07 1.73 14.24
N ILE A 716 6.32 0.62 14.23
CA ILE A 716 5.92 0.03 15.51
C ILE A 716 7.18 -0.16 16.33
N TRP A 717 8.15 -0.89 15.79
CA TRP A 717 9.37 -1.09 16.54
C TRP A 717 10.02 0.19 17.06
N GLU A 718 9.81 1.31 16.41
CA GLU A 718 10.34 2.56 16.93
C GLU A 718 9.66 2.95 18.24
N THR A 719 8.37 2.64 18.34
CA THR A 719 7.59 3.02 19.52
C THR A 719 8.01 2.24 20.77
N GLU A 720 8.93 1.29 20.61
CA GLU A 720 9.53 0.59 21.76
C GLU A 720 11.04 0.54 21.59
N SER A 721 11.58 1.59 20.97
CA SER A 721 13.01 1.74 20.73
C SER A 721 13.74 0.48 20.18
N LEU A 722 13.12 -0.17 19.20
CA LEU A 722 13.71 -1.28 18.47
C LEU A 722 13.98 -0.88 17.00
N ASP A 723 15.16 -1.23 16.51
CA ASP A 723 15.56 -0.97 15.14
C ASP A 723 16.16 -2.24 14.52
N LEU A 724 15.46 -2.80 13.54
CA LEU A 724 15.82 -4.11 12.98
C LEU A 724 16.41 -4.00 11.58
N CYS A 725 16.67 -2.76 11.16
CA CYS A 725 17.31 -2.49 9.89
C CYS A 725 16.76 -3.37 8.78
N LEU A 726 15.45 -3.27 8.56
CA LEU A 726 14.89 -3.78 7.33
C LEU A 726 15.41 -2.88 6.23
N LEU A 727 15.34 -3.38 5.01
CA LEU A 727 15.34 -2.49 3.87
C LEU A 727 14.06 -2.79 3.12
N PRO A 728 12.99 -2.01 3.34
CA PRO A 728 11.94 -1.96 2.36
C PRO A 728 12.35 -1.10 1.14
N TYR A 729 13.12 -1.71 0.27
CA TYR A 729 13.50 -1.07 -0.99
C TYR A 729 12.29 -0.48 -1.71
N GLY A 730 12.51 0.56 -2.47
CA GLY A 730 11.43 1.21 -3.25
C GLY A 730 10.90 0.33 -4.36
N CYS A 731 9.61 0.40 -4.61
CA CYS A 731 8.98 -0.46 -5.60
C CYS A 731 7.65 0.12 -6.04
N ILE A 732 7.59 0.74 -7.22
CA ILE A 732 6.35 1.25 -7.72
C ILE A 732 5.82 0.45 -8.91
N SER A 733 4.58 -0.01 -8.80
CA SER A 733 3.87 -0.57 -9.95
C SER A 733 3.47 0.53 -10.92
N THR A 734 3.51 0.23 -12.22
CA THR A 734 3.11 1.21 -13.25
C THR A 734 2.05 0.74 -14.26
N GLY A 735 1.93 -0.55 -14.53
CA GLY A 735 1.01 -1.04 -15.57
C GLY A 735 0.76 -2.54 -15.48
N ASP A 736 -0.06 -3.07 -16.38
CA ASP A 736 -0.47 -4.47 -16.31
C ASP A 736 0.77 -5.39 -16.14
N LYS A 737 0.91 -5.97 -14.96
CA LYS A 737 2.04 -6.85 -14.64
C LYS A 737 3.46 -6.22 -14.84
N ILE A 738 3.54 -4.89 -14.78
CA ILE A 738 4.80 -4.14 -14.97
C ILE A 738 5.04 -2.94 -14.00
N GLY A 739 6.28 -2.75 -13.56
CA GLY A 739 6.61 -1.65 -12.65
C GLY A 739 8.10 -1.38 -12.50
N MET A 740 8.51 -0.85 -11.36
CA MET A 740 9.92 -0.52 -11.17
C MET A 740 10.34 -0.80 -9.77
N ILE A 741 11.66 -0.87 -9.57
CA ILE A 741 12.25 -1.41 -8.34
C ILE A 741 13.57 -0.72 -8.00
N GLU A 742 13.77 -0.37 -6.73
CA GLU A 742 14.99 0.30 -6.33
C GLU A 742 16.13 -0.69 -6.35
N ILE A 743 17.28 -0.28 -6.90
CA ILE A 743 18.50 -1.06 -6.82
C ILE A 743 19.26 -0.74 -5.55
N VAL A 744 19.37 -1.73 -4.66
CA VAL A 744 20.05 -1.56 -3.37
C VAL A 744 21.53 -1.76 -3.61
N LYS A 745 22.31 -0.76 -3.22
CA LYS A 745 23.72 -0.72 -3.50
C LYS A 745 24.48 -1.72 -2.64
N ASP A 746 25.57 -2.23 -3.23
CA ASP A 746 26.50 -3.15 -2.57
C ASP A 746 25.78 -4.32 -1.93
N ALA A 747 25.04 -5.03 -2.76
CA ALA A 747 24.18 -6.11 -2.31
C ALA A 747 24.24 -7.32 -3.25
N THR A 748 24.18 -8.51 -2.68
CA THR A 748 24.09 -9.74 -3.47
C THR A 748 23.05 -10.64 -2.89
N THR A 749 22.63 -11.56 -3.73
CA THR A 749 21.76 -12.65 -3.35
C THR A 749 22.56 -13.53 -2.46
N ILE A 750 21.90 -14.38 -1.69
CA ILE A 750 22.59 -15.35 -0.86
C ILE A 750 22.94 -16.60 -1.68
N ALA A 751 22.04 -16.98 -2.58
CA ALA A 751 22.30 -17.98 -3.62
C ALA A 751 23.64 -17.69 -4.31
N LYS A 752 23.75 -16.47 -4.84
CA LYS A 752 24.98 -16.00 -5.48
C LYS A 752 26.23 -16.22 -4.63
N ILE A 753 26.16 -15.99 -3.33
CA ILE A 753 27.30 -16.24 -2.41
C ILE A 753 27.64 -17.74 -2.24
N GLN A 754 26.63 -18.59 -2.29
CA GLN A 754 26.82 -20.03 -2.18
C GLN A 754 27.45 -20.62 -3.45
N GLN A 755 27.09 -20.09 -4.60
CA GLN A 755 27.77 -20.45 -5.84
C GLN A 755 29.16 -19.81 -5.89
N SER A 756 29.99 -20.06 -4.88
CA SER A 756 31.35 -19.52 -4.83
C SER A 756 32.21 -20.41 -5.77
N THR A 757 33.37 -20.87 -5.30
CA THR A 757 33.97 -22.12 -5.82
C THR A 757 32.97 -23.27 -5.60
N VAL A 758 32.12 -23.12 -4.57
CA VAL A 758 31.10 -24.12 -4.21
C VAL A 758 29.90 -24.15 -5.21
N GLY A 759 30.00 -23.37 -6.29
CA GLY A 759 29.27 -23.63 -7.54
C GLY A 759 27.81 -24.05 -7.48
N ASN A 760 27.32 -24.57 -8.60
CA ASN A 760 25.87 -24.76 -8.81
C ASN A 760 25.27 -25.92 -8.00
N THR A 761 24.82 -26.98 -8.69
CA THR A 761 23.93 -27.99 -8.08
C THR A 761 24.51 -28.74 -6.87
N GLY A 762 25.85 -28.77 -6.77
CA GLY A 762 26.56 -29.30 -5.60
C GLY A 762 26.89 -28.25 -4.54
N ALA A 763 25.98 -28.13 -3.56
CA ALA A 763 26.07 -27.13 -2.47
C ALA A 763 25.10 -27.55 -1.35
N PHE A 764 25.14 -26.96 -0.14
CA PHE A 764 25.85 -25.72 0.20
C PHE A 764 26.63 -25.90 1.49
N LYS A 765 27.77 -25.22 1.64
CA LYS A 765 28.57 -25.33 2.87
C LYS A 765 28.30 -24.21 3.89
N ASP A 766 28.28 -24.58 5.17
CA ASP A 766 27.96 -23.68 6.30
C ASP A 766 28.78 -22.39 6.45
N GLU A 767 30.12 -22.45 6.51
CA GLU A 767 30.86 -21.18 6.55
C GLU A 767 30.58 -20.49 5.20
N VAL A 768 31.59 -19.99 4.49
CA VAL A 768 31.39 -19.31 3.18
C VAL A 768 30.73 -17.95 3.37
N LEU A 769 29.49 -17.92 3.82
CA LEU A 769 28.81 -16.66 4.16
C LEU A 769 29.71 -15.73 4.94
N ASN A 770 30.38 -16.34 5.92
CA ASN A 770 31.23 -15.62 6.85
C ASN A 770 32.45 -14.97 6.20
N HIS A 771 33.15 -15.72 5.35
CA HIS A 771 34.36 -15.20 4.69
C HIS A 771 33.94 -13.99 3.85
N TRP A 772 32.83 -14.15 3.12
CA TRP A 772 32.28 -13.09 2.26
C TRP A 772 32.11 -11.77 2.99
N LEU A 773 31.72 -11.86 4.26
CA LEU A 773 31.62 -10.68 5.09
C LEU A 773 33.02 -10.13 5.40
N LYS A 774 33.92 -10.99 5.87
CA LYS A 774 35.30 -10.59 6.15
C LYS A 774 36.01 -10.11 4.88
N GLU A 775 35.89 -10.89 3.80
CA GLU A 775 36.38 -10.51 2.47
C GLU A 775 35.98 -9.07 2.14
N LYS A 776 34.71 -8.76 2.42
CA LYS A 776 34.14 -7.46 2.11
C LYS A 776 34.26 -6.43 3.27
N SER A 777 34.78 -6.86 4.43
CA SER A 777 34.95 -5.96 5.61
C SER A 777 36.38 -5.44 5.76
N PRO A 778 36.54 -4.11 5.71
CA PRO A 778 37.87 -3.51 5.77
C PRO A 778 38.63 -3.76 7.07
N THR A 779 38.00 -3.51 8.21
CA THR A 779 38.61 -3.78 9.49
C THR A 779 37.76 -4.75 10.30
N GLU A 780 38.42 -5.63 11.05
CA GLU A 780 37.74 -6.56 11.96
C GLU A 780 36.62 -5.89 12.80
N GLU A 781 36.66 -4.57 12.95
CA GLU A 781 35.61 -3.89 13.70
C GLU A 781 34.41 -3.53 12.79
N LYS A 782 34.67 -3.11 11.55
CA LYS A 782 33.59 -2.95 10.57
C LYS A 782 32.96 -4.32 10.38
N PHE A 783 33.78 -5.33 10.10
CA PHE A 783 33.28 -6.70 10.14
C PHE A 783 32.40 -6.90 11.37
N GLN A 784 32.81 -6.31 12.48
CA GLN A 784 32.06 -6.47 13.71
C GLN A 784 30.70 -5.82 13.58
N ALA A 785 30.70 -4.60 13.03
CA ALA A 785 29.47 -3.88 12.71
C ALA A 785 28.49 -4.81 11.95
N ALA A 786 29.00 -5.38 10.87
CA ALA A 786 28.21 -6.27 10.02
C ALA A 786 27.48 -7.40 10.78
N VAL A 787 28.14 -8.02 11.75
CA VAL A 787 27.52 -9.18 12.41
C VAL A 787 26.41 -8.69 13.31
N GLU A 788 26.56 -7.46 13.77
CA GLU A 788 25.49 -6.76 14.49
C GLU A 788 24.31 -6.56 13.51
N ARG A 789 24.54 -5.73 12.53
CA ARG A 789 23.64 -5.50 11.40
C ARG A 789 22.94 -6.75 10.90
N PHE A 790 23.64 -7.87 10.92
CA PHE A 790 23.09 -9.09 10.39
C PHE A 790 22.18 -9.77 11.38
N VAL A 791 22.64 -9.87 12.60
CA VAL A 791 21.83 -10.39 13.71
C VAL A 791 20.46 -9.72 13.72
N TYR A 792 20.51 -8.39 13.52
CA TYR A 792 19.31 -7.55 13.52
C TYR A 792 18.45 -7.79 12.31
N SER A 793 19.01 -7.54 11.13
CA SER A 793 18.30 -7.77 9.87
C SER A 793 17.58 -9.09 9.98
N CYS A 794 18.34 -10.12 10.37
CA CYS A 794 17.81 -11.46 10.42
C CYS A 794 16.60 -11.55 11.35
N ALA A 795 16.70 -10.82 12.46
CA ALA A 795 15.64 -10.82 13.46
C ALA A 795 14.38 -10.30 12.81
N GLY A 796 14.56 -9.14 12.15
CA GLY A 796 13.46 -8.41 11.54
C GLY A 796 12.75 -9.28 10.55
N TYR A 797 13.49 -9.71 9.53
CA TYR A 797 12.85 -10.40 8.42
C TYR A 797 12.28 -11.73 8.84
N CYS A 798 12.75 -12.28 9.97
CA CYS A 798 12.22 -13.54 10.48
C CYS A 798 10.85 -13.33 11.06
N VAL A 799 10.73 -12.36 11.98
CA VAL A 799 9.41 -12.09 12.60
C VAL A 799 8.37 -11.57 11.59
N ALA A 800 8.80 -10.58 10.82
CA ALA A 800 7.99 -10.02 9.77
C ALA A 800 7.39 -11.14 8.89
N THR A 801 8.25 -11.88 8.23
CA THR A 801 7.77 -12.88 7.30
C THR A 801 6.87 -13.92 7.97
N PHE A 802 7.25 -14.31 9.17
CA PHE A 802 6.47 -15.33 9.85
C PHE A 802 5.04 -14.82 9.98
N VAL A 803 4.93 -13.61 10.51
CA VAL A 803 3.65 -12.98 10.74
C VAL A 803 2.86 -12.78 9.47
N LEU A 804 3.56 -12.43 8.40
CA LEU A 804 2.89 -12.17 7.14
C LEU A 804 2.67 -13.46 6.34
N GLY A 805 3.23 -14.58 6.82
CA GLY A 805 2.97 -15.90 6.24
C GLY A 805 3.77 -16.15 4.97
N ILE A 806 4.86 -15.42 4.82
CA ILE A 806 5.71 -15.49 3.63
C ILE A 806 7.10 -15.93 4.09
N GLY A 807 7.11 -16.77 5.11
CA GLY A 807 8.32 -17.14 5.82
C GLY A 807 9.30 -17.98 5.03
N ASP A 808 8.79 -18.77 4.10
CA ASP A 808 9.51 -19.90 3.53
C ASP A 808 9.96 -19.64 2.11
N ARG A 809 11.21 -19.17 1.98
CA ARG A 809 11.74 -18.66 0.72
C ARG A 809 13.02 -19.32 0.28
N HIS A 810 13.12 -19.65 -1.00
CA HIS A 810 14.42 -20.02 -1.58
C HIS A 810 15.37 -18.83 -1.51
N ASN A 811 16.63 -19.07 -1.20
CA ASN A 811 17.58 -17.98 -0.97
C ASN A 811 18.08 -17.21 -2.19
N ASP A 812 17.65 -17.61 -3.39
CA ASP A 812 17.84 -16.74 -4.55
C ASP A 812 16.98 -15.46 -4.43
N ASN A 813 16.01 -15.50 -3.51
CA ASN A 813 15.16 -14.38 -3.12
C ASN A 813 15.48 -13.83 -1.73
N ILE A 814 16.74 -13.93 -1.31
CA ILE A 814 17.18 -13.32 -0.06
C ILE A 814 18.51 -12.70 -0.32
N MET A 815 18.69 -11.50 0.18
CA MET A 815 19.86 -10.72 -0.17
C MET A 815 20.53 -10.16 1.08
N ILE A 816 21.68 -9.55 0.87
CA ILE A 816 22.43 -8.95 1.97
C ILE A 816 23.41 -7.90 1.46
N THR A 817 23.48 -6.75 2.12
CA THR A 817 24.46 -5.71 1.75
C THR A 817 25.80 -6.12 2.27
N GLU A 818 26.85 -5.63 1.63
CA GLU A 818 28.22 -5.79 2.12
C GLU A 818 28.25 -5.47 3.62
N THR A 819 27.65 -4.35 4.03
CA THR A 819 27.64 -3.94 5.44
C THR A 819 26.80 -4.80 6.38
N GLY A 820 26.40 -5.98 5.95
CA GLY A 820 25.73 -6.93 6.83
C GLY A 820 24.21 -6.93 6.84
N ASN A 821 23.56 -6.01 6.12
CA ASN A 821 22.11 -5.88 6.20
C ASN A 821 21.41 -6.88 5.28
N LEU A 822 20.75 -7.88 5.87
CA LEU A 822 20.06 -8.92 5.12
C LEU A 822 18.70 -8.40 4.74
N PHE A 823 18.12 -8.89 3.64
CA PHE A 823 16.75 -8.52 3.24
C PHE A 823 16.11 -9.41 2.16
N HIS A 824 14.89 -9.88 2.43
CA HIS A 824 14.06 -10.54 1.42
C HIS A 824 13.76 -9.61 0.27
N ILE A 825 13.43 -10.19 -0.88
CA ILE A 825 13.00 -9.45 -2.07
C ILE A 825 11.98 -10.26 -2.83
N ASP A 826 11.34 -9.65 -3.83
CA ASP A 826 10.44 -10.32 -4.78
C ASP A 826 9.27 -11.07 -4.17
N PHE A 827 8.43 -10.36 -3.45
CA PHE A 827 7.27 -10.93 -2.81
C PHE A 827 6.22 -11.44 -3.80
N GLY A 828 6.43 -11.09 -5.07
CA GLY A 828 6.07 -11.93 -6.23
C GLY A 828 4.70 -12.60 -6.22
N HIS A 829 4.44 -13.71 -5.53
CA HIS A 829 5.34 -14.87 -5.10
C HIS A 829 4.94 -15.42 -3.68
N ILE A 830 3.83 -15.66 -3.29
CA ILE A 830 2.79 -15.08 -4.15
C ILE A 830 2.14 -13.86 -3.47
N GLU A 843 6.52 -30.20 3.31
CA GLU A 843 7.61 -29.87 4.25
C GLU A 843 7.97 -28.37 4.27
N ARG A 844 7.53 -27.68 5.32
CA ARG A 844 7.70 -26.23 5.44
C ARG A 844 8.73 -25.87 6.51
N VAL A 845 9.02 -24.57 6.58
CA VAL A 845 9.83 -24.00 7.63
C VAL A 845 9.17 -22.64 7.91
N PRO A 846 9.21 -22.14 9.16
CA PRO A 846 8.53 -20.89 9.38
C PRO A 846 9.34 -19.72 8.84
N PHE A 847 10.66 -19.87 8.77
CA PHE A 847 11.52 -18.86 8.13
C PHE A 847 12.92 -19.37 7.70
N VAL A 848 13.65 -18.52 6.99
CA VAL A 848 14.94 -18.93 6.45
C VAL A 848 16.05 -18.58 7.42
N LEU A 849 16.10 -19.32 8.52
CA LEU A 849 17.26 -19.32 9.41
C LEU A 849 17.98 -20.60 9.04
N THR A 850 18.92 -20.51 8.10
CA THR A 850 19.69 -21.68 7.65
C THR A 850 21.05 -21.73 8.33
N PRO A 851 21.54 -22.96 8.58
CA PRO A 851 22.82 -23.16 9.24
C PRO A 851 23.95 -22.23 8.83
N ASP A 852 23.95 -21.75 7.59
CA ASP A 852 24.95 -20.76 7.19
C ASP A 852 24.75 -19.38 7.86
N PHE A 853 23.50 -19.08 8.22
CA PHE A 853 23.17 -17.87 8.97
C PHE A 853 23.69 -18.08 10.36
N LEU A 854 23.37 -19.26 10.89
CA LEU A 854 23.57 -19.59 12.30
C LEU A 854 25.05 -19.53 12.70
N PHE A 855 25.90 -20.21 11.94
CA PHE A 855 27.34 -19.93 12.02
C PHE A 855 27.51 -18.55 11.38
N VAL A 856 28.31 -17.70 12.01
CA VAL A 856 28.29 -16.24 11.80
C VAL A 856 27.67 -15.63 13.05
N MET A 857 26.54 -16.17 13.47
CA MET A 857 26.08 -16.01 14.84
C MET A 857 27.02 -16.82 15.72
N GLY A 858 27.47 -17.96 15.18
CA GLY A 858 28.43 -18.87 15.82
C GLY A 858 27.76 -19.88 16.75
N THR A 859 27.15 -20.94 16.20
CA THR A 859 26.38 -21.90 17.03
C THR A 859 26.09 -23.30 16.46
N SER A 860 25.97 -23.41 15.14
CA SER A 860 25.62 -24.68 14.49
C SER A 860 26.38 -25.87 15.09
N GLY A 861 25.74 -27.04 15.19
CA GLY A 861 24.42 -27.30 14.62
C GLY A 861 23.26 -27.11 15.58
N LYS A 862 23.54 -27.27 16.87
CA LYS A 862 22.53 -27.10 17.92
C LYS A 862 23.18 -26.87 19.27
N LYS A 863 23.91 -25.76 19.37
CA LYS A 863 24.52 -25.36 20.64
C LYS A 863 23.86 -24.11 21.22
N THR A 864 24.50 -22.96 21.00
CA THR A 864 24.05 -21.63 21.48
C THR A 864 25.24 -20.66 21.40
N SER A 865 25.00 -19.36 21.63
CA SER A 865 26.06 -18.34 21.48
C SER A 865 25.61 -16.99 21.97
N PRO A 866 26.58 -16.09 22.28
CA PRO A 866 26.29 -14.72 22.67
C PRO A 866 25.34 -14.04 21.70
N HIS A 867 25.66 -14.14 20.42
CA HIS A 867 24.84 -13.55 19.37
C HIS A 867 23.55 -14.33 19.12
N PHE A 868 23.58 -15.66 19.17
CA PHE A 868 22.34 -16.41 19.06
C PHE A 868 21.47 -16.24 20.29
N GLN A 869 22.08 -15.84 21.40
CA GLN A 869 21.33 -15.43 22.59
C GLN A 869 20.72 -14.09 22.28
N LYS A 870 21.56 -13.20 21.77
CA LYS A 870 21.15 -11.87 21.33
C LYS A 870 20.02 -11.97 20.31
N PHE A 871 20.25 -12.76 19.25
CA PHE A 871 19.26 -13.00 18.19
C PHE A 871 17.92 -13.45 18.78
N GLN A 872 17.94 -14.55 19.54
CA GLN A 872 16.75 -15.04 20.20
C GLN A 872 16.08 -13.94 20.97
N ASP A 873 16.84 -13.25 21.80
CA ASP A 873 16.30 -12.20 22.67
C ASP A 873 15.62 -11.09 21.87
N ILE A 874 16.24 -10.70 20.75
CA ILE A 874 15.74 -9.62 19.88
C ILE A 874 14.44 -9.97 19.20
N CYS A 875 14.40 -11.09 18.49
CA CYS A 875 13.14 -11.66 17.99
C CYS A 875 12.01 -11.59 19.03
N VAL A 876 12.31 -12.02 20.25
CA VAL A 876 11.30 -12.15 21.32
C VAL A 876 10.65 -10.83 21.67
N LYS A 877 11.47 -9.80 21.74
CA LYS A 877 10.98 -8.48 21.92
C LYS A 877 10.14 -8.10 20.70
N ALA A 878 10.68 -8.35 19.50
CA ALA A 878 10.06 -7.93 18.23
C ALA A 878 8.69 -8.50 18.01
N TYR A 879 8.60 -9.82 18.17
CA TYR A 879 7.33 -10.53 18.04
C TYR A 879 6.33 -9.94 19.01
N LEU A 880 6.73 -9.88 20.26
CA LEU A 880 5.90 -9.33 21.31
C LEU A 880 5.45 -7.90 20.98
N ALA A 881 6.38 -7.09 20.46
CA ALA A 881 6.08 -5.71 20.09
C ALA A 881 4.93 -5.69 19.11
N LEU A 882 5.06 -6.46 18.03
CA LEU A 882 3.99 -6.58 17.07
C LEU A 882 2.68 -6.97 17.75
N ARG A 883 2.72 -7.99 18.62
CA ARG A 883 1.51 -8.47 19.33
C ARG A 883 0.76 -7.36 20.08
N HIS A 884 1.47 -6.34 20.55
CA HIS A 884 0.82 -5.19 21.19
C HIS A 884 -0.05 -4.40 20.19
N HIS A 885 0.01 -4.77 18.92
CA HIS A 885 -0.71 -4.10 17.85
C HIS A 885 -1.44 -5.12 16.99
N THR A 886 -1.90 -6.18 17.62
CA THR A 886 -2.54 -7.25 16.90
C THR A 886 -3.59 -6.73 15.98
N ASN A 887 -4.49 -5.93 16.53
CA ASN A 887 -5.67 -5.46 15.75
C ASN A 887 -5.33 -4.70 14.48
N LEU A 888 -4.44 -3.73 14.57
CA LEU A 888 -3.99 -2.98 13.40
C LEU A 888 -3.44 -3.95 12.36
N LEU A 889 -2.56 -4.83 12.82
CA LEU A 889 -1.94 -5.80 11.90
C LEU A 889 -3.03 -6.66 11.30
N ILE A 890 -3.98 -7.10 12.12
CA ILE A 890 -5.05 -7.90 11.59
C ILE A 890 -5.84 -7.17 10.52
N ILE A 891 -6.16 -5.90 10.73
CA ILE A 891 -7.02 -5.23 9.72
C ILE A 891 -6.24 -5.04 8.39
N LEU A 892 -4.99 -4.57 8.51
CA LEU A 892 -4.13 -4.37 7.33
C LEU A 892 -3.94 -5.67 6.54
N PHE A 893 -3.48 -6.73 7.16
CA PHE A 893 -3.38 -8.04 6.49
C PHE A 893 -4.69 -8.31 5.76
N SER A 894 -5.76 -8.35 6.52
CA SER A 894 -7.09 -8.57 6.01
C SER A 894 -7.40 -7.66 4.82
N MET A 895 -7.04 -6.39 4.94
CA MET A 895 -7.31 -5.42 3.88
C MET A 895 -6.38 -5.69 2.73
N MET A 896 -5.14 -6.06 3.07
CA MET A 896 -4.11 -6.35 2.06
C MET A 896 -4.64 -7.44 1.18
N LEU A 897 -5.15 -8.50 1.80
CA LEU A 897 -5.62 -9.69 1.06
C LEU A 897 -6.81 -9.44 0.15
N MET A 898 -7.77 -8.64 0.58
CA MET A 898 -9.01 -8.47 -0.19
C MET A 898 -8.83 -7.50 -1.35
N THR A 899 -7.96 -6.53 -1.18
CA THR A 899 -7.80 -5.45 -2.15
C THR A 899 -6.67 -5.70 -3.13
N GLY A 900 -5.81 -6.70 -2.88
CA GLY A 900 -4.68 -6.98 -3.76
C GLY A 900 -4.28 -8.41 -4.13
N MET A 901 -5.14 -9.41 -3.86
CA MET A 901 -4.75 -10.84 -4.04
C MET A 901 -5.59 -11.64 -5.06
N PRO A 902 -5.04 -12.81 -5.48
CA PRO A 902 -5.77 -13.71 -6.38
C PRO A 902 -6.77 -14.53 -5.58
N GLN A 903 -6.43 -15.78 -5.25
CA GLN A 903 -7.29 -16.63 -4.42
C GLN A 903 -7.09 -16.29 -2.91
N LEU A 904 -8.23 -16.01 -2.26
CA LEU A 904 -8.29 -15.71 -0.81
C LEU A 904 -9.51 -16.45 -0.20
N THR A 905 -9.77 -16.22 1.10
CA THR A 905 -10.83 -16.94 1.81
C THR A 905 -11.29 -16.13 2.99
N SER A 906 -12.48 -15.54 2.87
CA SER A 906 -13.06 -14.69 3.95
C SER A 906 -13.29 -15.55 5.23
N LYS A 907 -12.15 -15.90 5.82
CA LYS A 907 -12.02 -16.61 7.09
C LYS A 907 -10.57 -17.09 7.10
N GLU A 908 -10.31 -18.14 6.33
CA GLU A 908 -9.11 -18.94 6.51
C GLU A 908 -7.82 -18.17 6.21
N ASP A 909 -7.70 -17.60 5.03
CA ASP A 909 -6.44 -16.98 4.65
C ASP A 909 -6.15 -15.78 5.54
N ILE A 910 -7.19 -15.06 5.92
CA ILE A 910 -7.04 -13.90 6.78
C ILE A 910 -6.78 -14.32 8.21
N GLU A 911 -7.44 -15.40 8.64
CA GLU A 911 -7.21 -15.97 9.96
C GLU A 911 -5.76 -16.44 10.16
N TYR A 912 -4.99 -16.60 9.10
CA TYR A 912 -3.59 -16.93 9.30
C TYR A 912 -2.91 -15.99 10.29
N ILE A 913 -3.19 -14.70 10.18
CA ILE A 913 -2.44 -13.73 10.96
C ILE A 913 -2.80 -13.77 12.43
N ARG A 914 -4.07 -14.02 12.76
CA ARG A 914 -4.44 -14.09 14.19
C ARG A 914 -3.63 -15.20 14.87
N ASP A 915 -3.46 -16.30 14.14
CA ASP A 915 -2.69 -17.45 14.58
C ASP A 915 -1.21 -17.14 14.69
N ALA A 916 -0.63 -16.61 13.63
CA ALA A 916 0.80 -16.30 13.66
C ALA A 916 1.07 -15.31 14.78
N LEU A 917 0.11 -14.45 15.05
CA LEU A 917 0.23 -13.50 16.16
C LEU A 917 -0.18 -14.10 17.50
N THR A 918 -0.58 -15.38 17.49
CA THR A 918 -1.06 -16.07 18.69
C THR A 918 -1.99 -15.19 19.50
N VAL A 919 -3.14 -14.90 18.95
CA VAL A 919 -4.15 -14.18 19.69
C VAL A 919 -4.53 -15.15 20.79
N GLY A 920 -5.01 -14.61 21.90
CA GLY A 920 -5.22 -15.38 23.12
C GLY A 920 -3.96 -15.15 23.90
N LYS A 921 -3.44 -16.19 24.51
CA LYS A 921 -2.06 -16.19 25.04
C LYS A 921 -1.64 -14.99 25.89
N ASN A 922 -1.00 -15.32 27.02
CA ASN A 922 -0.29 -14.34 27.79
C ASN A 922 1.08 -14.17 27.14
N GLU A 923 1.80 -13.16 27.60
CA GLU A 923 3.08 -12.79 27.03
C GLU A 923 3.97 -14.01 26.93
N GLU A 924 3.74 -14.98 27.79
CA GLU A 924 4.68 -16.08 27.99
C GLU A 924 4.64 -17.12 26.88
N ASP A 925 3.46 -17.65 26.62
CA ASP A 925 3.32 -18.75 25.68
C ASP A 925 3.70 -18.27 24.29
N ALA A 926 3.43 -17.00 24.02
CA ALA A 926 3.89 -16.36 22.78
C ALA A 926 5.41 -16.57 22.59
N LYS A 927 6.19 -15.97 23.49
CA LYS A 927 7.65 -16.12 23.50
C LYS A 927 8.09 -17.56 23.30
N LYS A 928 7.40 -18.48 23.94
CA LYS A 928 7.75 -19.87 23.83
C LYS A 928 7.55 -20.34 22.39
N TYR A 929 6.29 -20.23 21.93
CA TYR A 929 5.89 -20.57 20.56
C TYR A 929 6.90 -20.11 19.50
N PHE A 930 7.44 -18.92 19.68
CA PHE A 930 8.40 -18.39 18.71
C PHE A 930 9.75 -19.09 18.73
N LEU A 931 10.27 -19.40 19.92
CA LEU A 931 11.59 -20.06 19.98
C LEU A 931 11.51 -21.52 19.43
N ASP A 932 10.33 -22.14 19.54
CA ASP A 932 10.06 -23.42 18.86
C ASP A 932 10.29 -23.27 17.39
N GLN A 933 9.65 -22.25 16.84
CA GLN A 933 9.82 -21.88 15.45
C GLN A 933 11.29 -21.89 15.14
N ILE A 934 12.07 -21.15 15.92
CA ILE A 934 13.50 -21.05 15.67
C ILE A 934 14.07 -22.47 15.66
N GLU A 935 13.71 -23.26 16.66
CA GLU A 935 14.26 -24.61 16.77
C GLU A 935 13.81 -25.49 15.62
N VAL A 936 12.60 -25.26 15.10
CA VAL A 936 12.13 -25.99 13.93
C VAL A 936 13.14 -25.76 12.82
N CYS A 937 13.36 -24.48 12.49
CA CYS A 937 14.32 -24.09 11.45
C CYS A 937 15.68 -24.76 11.52
N ARG A 938 16.04 -25.23 12.70
CA ARG A 938 17.37 -25.77 12.92
C ARG A 938 17.38 -27.26 12.69
N ASP A 939 16.22 -27.88 12.79
CA ASP A 939 16.15 -29.33 12.85
C ASP A 939 16.81 -30.21 11.73
N LYS A 940 16.60 -30.12 10.40
CA LYS A 940 15.89 -29.16 9.50
C LYS A 940 16.92 -28.46 8.63
N GLY A 941 17.81 -27.73 9.26
CA GLY A 941 18.94 -27.07 8.60
C GLY A 941 18.72 -26.69 7.13
N TRP A 942 19.20 -27.55 6.24
CA TRP A 942 19.22 -27.29 4.79
C TRP A 942 18.15 -28.04 4.01
N THR A 943 17.29 -28.77 4.70
CA THR A 943 16.25 -29.57 4.05
C THR A 943 15.58 -28.83 2.90
N VAL A 944 14.82 -27.78 3.22
CA VAL A 944 13.96 -27.13 2.25
C VAL A 944 14.79 -26.52 1.13
N GLN A 945 15.85 -25.81 1.52
CA GLN A 945 16.71 -25.16 0.53
C GLN A 945 17.15 -26.16 -0.54
N PHE A 946 17.65 -27.31 -0.08
CA PHE A 946 17.93 -28.44 -0.95
C PHE A 946 16.69 -28.86 -1.79
N ASN A 947 15.53 -29.03 -1.12
CA ASN A 947 14.28 -29.46 -1.78
C ASN A 947 13.84 -28.66 -3.00
N TRP A 948 14.20 -27.38 -3.03
CA TRP A 948 13.98 -26.55 -4.22
C TRP A 948 14.86 -27.02 -5.43
N PHE A 949 15.38 -28.25 -5.38
CA PHE A 949 16.33 -28.75 -6.38
C PHE A 949 17.63 -27.99 -6.27
C26 534 B . 20.86 -8.29 -8.84
C25 534 B . 21.55 -9.65 -8.83
C27 534 B . 22.47 -9.76 -7.61
C12 534 B . 20.47 -10.76 -8.81
C13 534 B . 20.28 -11.60 -9.91
C14 534 B . 19.30 -12.60 -9.89
C11 534 B . 19.64 -10.95 -7.71
C10 534 B . 18.65 -11.94 -7.69
C5 534 B . 18.48 -12.77 -8.80
C3 534 B . 17.54 -13.78 -8.82
N1 534 B . 18.00 -15.03 -8.71
C2 534 B . 17.21 -16.08 -8.73
C1 534 B . 15.86 -15.91 -8.86
N2 534 B . 15.38 -14.68 -8.98
C4 534 B . 16.18 -13.58 -8.98
N3 534 B . 15.58 -12.29 -9.08
C9 534 B . 16.19 -11.21 -9.92
C8 534 B . 15.22 -10.07 -10.26
C6 534 B . 14.34 -12.07 -8.28
C7 534 B . 13.47 -10.99 -8.86
N4 534 B . 14.34 -9.82 -9.10
S1 534 B . 13.47 -8.41 -9.20
O1 534 B . 13.90 -7.56 -10.37
O2 534 B . 11.99 -8.68 -9.26
C15 534 B . 13.96 -7.66 -7.70
C20 534 B . 15.26 -7.13 -7.58
C16 534 B . 13.07 -7.65 -6.61
C17 534 B . 13.49 -7.07 -5.43
C18 534 B . 14.79 -6.52 -5.29
C19 534 B . 15.68 -6.56 -6.37
C21 534 B . 16.96 -6.02 -6.24
C22 534 B . 18.10 -6.77 -6.48
N5 534 B . 19.31 -6.25 -6.35
C23 534 B . 19.45 -4.97 -5.97
N7 534 B . 20.66 -4.44 -5.83
N6 534 B . 18.37 -4.21 -5.71
C24 534 B . 17.15 -4.70 -5.84
#